data_5ZOB
#
_entry.id   5ZOB
#
_cell.length_a   60.417
_cell.length_b   60.417
_cell.length_c   214.873
_cell.angle_alpha   90.00
_cell.angle_beta   90.00
_cell.angle_gamma   90.00
#
_symmetry.space_group_name_H-M   'P 21 21 21'
#
loop_
_entity.id
_entity.type
_entity.pdbx_description
1 polymer 'Serine protease subunit NS2B'
2 polymer 'NS3 protease'
3 polymer 4-guanidinomethyl-phenylacetyl-Arg-Arg-Arg-4-amidinobenzylamide
4 water water
#
loop_
_entity_poly.entity_id
_entity_poly.type
_entity_poly.pdbx_seq_one_letter_code
_entity_poly.pdbx_strand_id
1 'polypeptide(L)' MTGKSVDMYIERAGDITWEKDAEVTGNSPRLDVALDESGDFSLVEEDGPPMRE A,C,G,E
2 'polypeptide(L)'
;GSGALWDVPAPKEVKKGETTDGVYRVMTRRLLGSTQVGVGVMQEGVFHTMWHVTKGAALRSGEGRLDPYWGDVKQDLVSY
CGPWKLDAAWDGLSEVQLLAVPPGERAKNIQTLPGIFKTKDGDIGAVALDYPAGTSGSPILDKCGRVIGLYGNGVVIKNG
SYVSAITQGKREEETPVE
;
B,D,H,F
3 'polypeptide(L)' (2UE)RRR(00S) I,J
#
loop_
_chem_comp.id
_chem_comp.type
_chem_comp.name
_chem_comp.formula
00S non-polymer 4-(aminomethyl)benzenecarboximidamide 'C8 H11 N3'
2UE non-polymer 1-[4-(2-oxoethyl)benzyl]guanidine 'C10 H13 N3 O'
#
# COMPACT_ATOMS: atom_id res chain seq x y z
N ASP A 7 9.92 -16.86 -2.05
CA ASP A 7 11.10 -17.44 -1.41
C ASP A 7 12.16 -16.36 -1.17
N MET A 8 12.28 -15.93 0.07
CA MET A 8 13.22 -14.87 0.43
C MET A 8 14.33 -15.39 1.34
N TYR A 9 15.48 -14.72 1.31
CA TYR A 9 16.59 -15.04 2.20
C TYR A 9 17.38 -13.77 2.52
N ILE A 10 18.23 -13.85 3.53
CA ILE A 10 19.04 -12.70 3.92
C ILE A 10 20.52 -13.05 4.00
N GLU A 11 21.36 -12.03 3.88
CA GLU A 11 22.80 -12.18 4.06
C GLU A 11 23.43 -10.83 4.42
N ARG A 12 24.45 -10.87 5.26
CA ARG A 12 25.02 -9.67 5.86
C ARG A 12 25.58 -8.69 4.84
N ALA A 13 25.34 -7.39 5.06
CA ALA A 13 25.78 -6.36 4.15
C ALA A 13 26.69 -5.35 4.84
N GLY A 14 26.96 -5.58 6.12
CA GLY A 14 27.88 -4.72 6.86
C GLY A 14 27.48 -4.45 8.29
N ASP A 15 28.43 -3.93 9.06
CA ASP A 15 28.18 -3.55 10.45
C ASP A 15 27.32 -2.30 10.53
N ILE A 16 26.80 -2.02 11.73
CA ILE A 16 26.02 -0.82 11.96
C ILE A 16 26.80 0.14 12.86
N THR A 17 27.38 1.16 12.26
CA THR A 17 28.21 2.12 12.97
C THR A 17 28.27 3.46 12.25
N TRP A 18 28.37 4.53 13.03
CA TRP A 18 28.41 5.88 12.48
C TRP A 18 29.74 6.19 11.83
N GLU A 19 29.70 6.80 10.65
CA GLU A 19 30.90 7.30 9.99
C GLU A 19 31.18 8.72 10.46
N LYS A 20 32.31 8.91 11.14
CA LYS A 20 32.60 10.17 11.82
C LYS A 20 32.91 11.33 10.87
N ASP A 21 32.96 11.07 9.58
CA ASP A 21 33.23 12.11 8.60
C ASP A 21 32.65 11.72 7.24
N ALA A 22 31.35 11.49 7.21
CA ALA A 22 30.67 11.01 6.01
C ALA A 22 30.15 12.13 5.11
N GLU A 23 29.56 11.73 3.98
CA GLU A 23 28.97 12.67 3.05
C GLU A 23 27.74 13.36 3.65
N VAL A 24 27.83 14.67 3.83
CA VAL A 24 26.76 15.43 4.46
C VAL A 24 25.91 16.18 3.43
N THR A 25 24.62 15.88 3.41
CA THR A 25 23.69 16.50 2.47
C THR A 25 22.26 16.41 2.98
N GLY A 26 21.29 16.58 2.08
CA GLY A 26 19.89 16.37 2.42
C GLY A 26 19.16 17.58 2.98
N ASN A 27 17.88 17.71 2.61
CA ASN A 27 17.04 18.78 3.11
C ASN A 27 16.37 18.41 4.42
N SER A 28 15.59 19.34 4.98
CA SER A 28 14.83 19.07 6.20
C SER A 28 13.43 19.67 6.11
N PRO A 29 12.57 19.06 5.28
CA PRO A 29 11.24 19.62 5.02
C PRO A 29 10.21 19.34 6.10
N ARG A 30 9.49 20.38 6.52
CA ARG A 30 8.36 20.24 7.43
C ARG A 30 7.10 19.97 6.62
N LEU A 31 6.62 18.73 6.63
CA LEU A 31 5.52 18.33 5.76
C LEU A 31 4.24 17.96 6.53
N ASP A 32 3.13 18.58 6.14
CA ASP A 32 1.81 18.18 6.62
C ASP A 32 1.40 16.89 5.93
N VAL A 33 1.50 15.77 6.63
CA VAL A 33 1.17 14.47 6.03
C VAL A 33 0.09 13.74 6.81
N ALA A 34 -0.44 12.68 6.21
CA ALA A 34 -1.42 11.82 6.86
C ALA A 34 -0.94 10.38 6.82
N LEU A 35 -1.63 9.51 7.56
CA LEU A 35 -1.28 8.09 7.60
C LEU A 35 -2.54 7.24 7.57
N ASP A 36 -2.70 6.46 6.50
CA ASP A 36 -3.92 5.68 6.31
C ASP A 36 -3.89 4.38 7.13
N GLU A 37 -4.94 3.58 6.95
CA GLU A 37 -5.05 2.31 7.66
C GLU A 37 -4.06 1.28 7.13
N SER A 38 -3.50 1.55 5.94
CA SER A 38 -2.57 0.62 5.31
C SER A 38 -1.11 1.06 5.44
N GLY A 39 -0.87 2.08 6.27
CA GLY A 39 0.49 2.50 6.57
C GLY A 39 1.15 3.38 5.53
N ASP A 40 0.36 3.93 4.61
CA ASP A 40 0.88 4.81 3.57
C ASP A 40 0.74 6.28 3.96
N PHE A 41 1.79 7.05 3.72
CA PHE A 41 1.76 8.50 3.97
C PHE A 41 1.26 9.26 2.75
N SER A 42 0.50 10.33 3.00
CA SER A 42 0.03 11.18 1.92
C SER A 42 0.07 12.65 2.35
N LEU A 43 0.30 13.54 1.40
CA LEU A 43 0.47 14.96 1.69
C LEU A 43 -0.86 15.66 1.96
N VAL A 44 -0.80 16.72 2.77
CA VAL A 44 -1.97 17.54 3.06
C VAL A 44 -1.72 18.98 2.63
N GLU A 45 -2.63 19.53 1.83
CA GLU A 45 -2.49 20.89 1.34
C GLU A 45 -3.62 21.78 1.83
N LYS B 16 19.36 -20.97 12.89
CA LYS B 16 18.65 -19.83 12.32
C LYS B 16 19.58 -18.98 11.45
N GLY B 17 20.76 -19.52 11.14
CA GLY B 17 21.72 -18.83 10.32
C GLY B 17 22.56 -17.83 11.09
N GLU B 18 23.25 -16.96 10.37
CA GLU B 18 24.08 -15.93 10.99
C GLU B 18 23.23 -14.78 11.50
N THR B 19 23.12 -14.68 12.83
CA THR B 19 22.30 -13.63 13.43
C THR B 19 23.16 -12.62 14.19
N THR B 20 24.41 -12.48 13.78
CA THR B 20 25.29 -11.47 14.38
C THR B 20 24.77 -10.08 14.03
N ASP B 21 25.05 -9.11 14.90
CA ASP B 21 24.56 -7.75 14.69
C ASP B 21 25.13 -7.12 13.43
N GLY B 22 24.30 -6.33 12.75
CA GLY B 22 24.71 -5.69 11.51
C GLY B 22 23.54 -5.52 10.56
N VAL B 23 23.82 -4.99 9.37
CA VAL B 23 22.78 -4.75 8.37
C VAL B 23 22.73 -5.92 7.38
N TYR B 24 21.53 -6.20 6.87
CA TYR B 24 21.32 -7.34 6.00
C TYR B 24 20.48 -7.00 4.77
N ARG B 25 20.79 -7.63 3.65
CA ARG B 25 19.98 -7.48 2.44
C ARG B 25 18.86 -8.53 2.44
N VAL B 26 17.69 -8.15 1.95
CA VAL B 26 16.61 -9.10 1.77
C VAL B 26 16.47 -9.43 0.29
N MET B 27 16.83 -10.66 -0.07
CA MET B 27 16.85 -11.07 -1.47
C MET B 27 15.69 -11.97 -1.82
N THR B 28 15.35 -12.03 -3.10
CA THR B 28 14.31 -12.91 -3.59
C THR B 28 14.77 -13.64 -4.85
N ARG B 29 14.23 -14.83 -5.07
CA ARG B 29 14.54 -15.59 -6.28
C ARG B 29 13.27 -15.79 -7.10
N ARG B 30 12.27 -14.97 -6.81
CA ARG B 30 10.97 -15.05 -7.49
C ARG B 30 11.02 -14.42 -8.88
N LEU B 31 12.06 -13.65 -9.14
CA LEU B 31 12.23 -13.03 -10.46
C LEU B 31 13.46 -13.57 -11.15
N LEU B 32 13.69 -13.12 -12.38
CA LEU B 32 14.81 -13.59 -13.20
C LEU B 32 16.17 -13.42 -12.48
N GLY B 33 16.58 -12.17 -12.24
CA GLY B 33 17.84 -11.90 -11.57
C GLY B 33 17.65 -11.81 -10.08
N SER B 34 18.64 -12.23 -9.31
CA SER B 34 18.48 -12.20 -7.87
C SER B 34 18.34 -10.75 -7.43
N THR B 35 17.11 -10.38 -7.09
CA THR B 35 16.76 -9.00 -6.77
C THR B 35 16.77 -8.72 -5.27
N GLN B 36 17.32 -7.56 -4.90
CA GLN B 36 17.28 -7.07 -3.54
C GLN B 36 15.98 -6.29 -3.31
N VAL B 37 15.04 -6.90 -2.58
CA VAL B 37 13.74 -6.29 -2.34
C VAL B 37 13.65 -5.56 -1.01
N GLY B 38 14.78 -5.46 -0.31
CA GLY B 38 14.79 -4.75 0.97
C GLY B 38 16.05 -4.89 1.78
N VAL B 39 16.10 -4.13 2.87
CA VAL B 39 17.23 -4.14 3.78
C VAL B 39 16.71 -4.43 5.19
N GLY B 40 17.58 -4.85 6.10
CA GLY B 40 17.17 -5.15 7.46
C GLY B 40 18.29 -5.05 8.47
N VAL B 41 17.91 -4.89 9.72
CA VAL B 41 18.88 -4.82 10.79
C VAL B 41 18.69 -5.95 11.78
N MET B 42 19.76 -6.72 11.96
CA MET B 42 19.77 -7.78 12.95
C MET B 42 20.38 -7.26 14.24
N GLN B 43 19.60 -7.27 15.32
CA GLN B 43 20.08 -6.78 16.60
C GLN B 43 19.47 -7.58 17.74
N GLU B 44 20.32 -8.06 18.64
CA GLU B 44 19.92 -8.83 19.82
C GLU B 44 19.14 -10.09 19.44
N GLY B 45 19.45 -10.64 18.26
CA GLY B 45 18.86 -11.89 17.83
C GLY B 45 17.57 -11.72 17.03
N VAL B 46 17.19 -10.47 16.78
CA VAL B 46 15.95 -10.19 16.06
C VAL B 46 16.22 -9.44 14.75
N PHE B 47 15.59 -9.90 13.68
CA PHE B 47 15.73 -9.24 12.38
C PHE B 47 14.60 -8.24 12.16
N HIS B 48 14.97 -6.96 12.07
CA HIS B 48 14.00 -5.88 11.89
C HIS B 48 13.99 -5.40 10.44
N THR B 49 12.80 -5.22 9.89
CA THR B 49 12.66 -4.68 8.53
C THR B 49 11.24 -4.15 8.30
N MET B 50 11.04 -3.47 7.18
CA MET B 50 9.74 -2.94 6.81
C MET B 50 8.76 -4.07 6.52
N TRP B 51 7.47 -3.81 6.72
CA TRP B 51 6.46 -4.82 6.44
C TRP B 51 6.31 -5.04 4.94
N HIS B 52 6.27 -3.95 4.17
CA HIS B 52 6.01 -4.04 2.74
C HIS B 52 7.16 -4.70 1.97
N VAL B 53 8.24 -5.01 2.67
CA VAL B 53 9.36 -5.72 2.08
C VAL B 53 9.07 -7.22 2.03
N THR B 54 8.76 -7.80 3.18
CA THR B 54 8.57 -9.23 3.29
C THR B 54 7.08 -9.60 3.29
N LYS B 55 6.22 -8.63 3.57
CA LYS B 55 4.79 -8.83 3.70
C LYS B 55 4.47 -9.86 4.78
N GLY B 56 5.33 -9.91 5.80
CA GLY B 56 5.13 -10.81 6.92
C GLY B 56 5.59 -12.23 6.66
N ALA B 57 6.00 -12.51 5.42
CA ALA B 57 6.42 -13.85 5.04
C ALA B 57 7.70 -14.26 5.75
N ALA B 58 7.87 -15.56 5.97
CA ALA B 58 9.06 -16.08 6.63
C ALA B 58 10.30 -15.87 5.75
N LEU B 59 11.46 -15.86 6.38
CA LEU B 59 12.72 -15.61 5.68
C LEU B 59 13.69 -16.76 5.83
N ARG B 60 14.59 -16.89 4.87
CA ARG B 60 15.62 -17.91 4.91
C ARG B 60 16.94 -17.31 5.38
N SER B 61 17.80 -18.13 5.98
CA SER B 61 19.10 -17.69 6.43
C SER B 61 20.07 -18.86 6.40
N GLY B 62 20.42 -19.29 5.19
CA GLY B 62 21.22 -20.48 5.05
C GLY B 62 20.10 -21.50 5.26
N GLU B 63 20.27 -22.50 6.11
CA GLU B 63 19.18 -23.46 6.31
C GLU B 63 18.86 -23.78 7.77
N GLY B 64 18.38 -22.82 8.57
CA GLY B 64 18.15 -21.45 8.15
C GLY B 64 16.76 -20.95 7.77
N ARG B 65 15.96 -20.63 8.79
CA ARG B 65 14.63 -20.07 8.60
C ARG B 65 14.25 -19.15 9.77
N LEU B 66 13.57 -18.04 9.47
CA LEU B 66 13.13 -17.12 10.52
C LEU B 66 11.63 -16.89 10.44
N ASP B 67 10.93 -17.20 11.52
CA ASP B 67 9.49 -16.93 11.57
C ASP B 67 9.24 -15.53 12.12
N PRO B 68 8.23 -14.84 11.56
CA PRO B 68 7.86 -13.51 12.06
C PRO B 68 7.35 -13.58 13.50
N TYR B 69 7.72 -12.60 14.31
CA TYR B 69 7.30 -12.57 15.71
C TYR B 69 6.19 -11.57 15.93
N TRP B 70 6.38 -10.36 15.42
CA TRP B 70 5.39 -9.29 15.54
C TRP B 70 5.33 -8.47 14.26
N GLY B 71 4.13 -8.04 13.88
CA GLY B 71 3.96 -7.25 12.68
C GLY B 71 2.78 -6.30 12.75
N ASP B 72 2.87 -5.20 12.02
CA ASP B 72 1.78 -4.24 11.91
C ASP B 72 1.89 -3.45 10.61
N VAL B 73 0.89 -3.59 9.76
CA VAL B 73 0.89 -2.93 8.45
C VAL B 73 0.89 -1.41 8.56
N LYS B 74 0.11 -0.89 9.50
CA LYS B 74 -0.01 0.55 9.67
C LYS B 74 1.31 1.19 10.07
N GLN B 75 2.06 0.51 10.93
CA GLN B 75 3.40 0.96 11.30
C GLN B 75 4.40 0.59 10.22
N ASP B 76 4.02 -0.36 9.37
CA ASP B 76 4.87 -0.86 8.28
C ASP B 76 6.18 -1.41 8.82
N LEU B 77 6.08 -2.21 9.88
CA LEU B 77 7.26 -2.84 10.48
C LEU B 77 6.99 -4.30 10.79
N VAL B 78 8.06 -5.07 10.98
CA VAL B 78 7.94 -6.49 11.33
C VAL B 78 9.23 -6.98 11.95
N SER B 79 9.11 -7.91 12.89
CA SER B 79 10.28 -8.48 13.56
C SER B 79 10.30 -10.00 13.42
N TYR B 80 11.50 -10.57 13.42
CA TYR B 80 11.66 -12.02 13.28
C TYR B 80 12.42 -12.60 14.46
N CYS B 81 11.99 -13.79 14.89
CA CYS B 81 12.62 -14.56 15.98
C CYS B 81 12.48 -13.89 17.35
N GLY B 82 11.81 -12.75 17.42
CA GLY B 82 11.64 -12.06 18.68
C GLY B 82 11.02 -10.67 18.56
N PRO B 83 10.74 -10.04 19.71
CA PRO B 83 10.12 -8.72 19.77
C PRO B 83 11.03 -7.62 19.25
N TRP B 84 10.46 -6.44 19.01
CA TRP B 84 11.21 -5.29 18.51
C TRP B 84 12.28 -4.87 19.52
N LYS B 85 13.47 -4.59 19.03
CA LYS B 85 14.61 -4.30 19.90
C LYS B 85 15.13 -2.87 19.74
N LEU B 86 14.71 -2.20 18.67
CA LEU B 86 15.21 -0.87 18.37
C LEU B 86 14.44 0.20 19.15
N ASP B 87 15.12 0.83 20.11
CA ASP B 87 14.46 1.74 21.03
C ASP B 87 14.97 3.18 20.92
N ALA B 88 16.04 3.39 20.15
CA ALA B 88 16.61 4.72 20.00
C ALA B 88 15.67 5.64 19.23
N ALA B 89 15.83 6.95 19.44
CA ALA B 89 14.97 7.94 18.80
C ALA B 89 15.74 9.19 18.42
N TRP B 90 15.31 9.84 17.34
CA TRP B 90 15.93 11.07 16.87
C TRP B 90 15.67 12.22 17.84
N ASP B 91 16.72 12.98 18.16
CA ASP B 91 16.59 14.05 19.15
C ASP B 91 15.85 15.27 18.59
N GLY B 92 15.50 15.23 17.31
CA GLY B 92 14.81 16.34 16.68
C GLY B 92 15.69 17.57 16.57
N LEU B 93 17.01 17.38 16.67
CA LEU B 93 17.94 18.49 16.57
C LEU B 93 19.19 18.18 15.74
N SER B 94 19.68 16.96 15.83
CA SER B 94 20.95 16.60 15.19
C SER B 94 20.76 16.01 13.80
N GLU B 95 21.84 15.93 13.04
CA GLU B 95 21.82 15.25 11.74
C GLU B 95 21.94 13.75 11.93
N VAL B 96 21.48 13.00 10.94
CA VAL B 96 21.52 11.54 10.99
C VAL B 96 22.16 10.97 9.74
N GLN B 97 22.66 9.74 9.84
CA GLN B 97 23.25 9.05 8.70
C GLN B 97 22.37 7.88 8.24
N LEU B 98 22.04 7.87 6.97
CA LEU B 98 21.29 6.76 6.39
C LEU B 98 22.23 5.69 5.85
N LEU B 99 22.25 4.54 6.53
CA LEU B 99 23.07 3.42 6.09
C LEU B 99 22.38 2.76 4.90
N ALA B 100 22.52 3.37 3.74
CA ALA B 100 21.86 2.91 2.53
C ALA B 100 22.49 1.64 1.98
N VAL B 101 21.66 0.63 1.76
CA VAL B 101 22.12 -0.61 1.13
C VAL B 101 21.32 -0.85 -0.15
N PRO B 102 21.72 -0.19 -1.24
CA PRO B 102 21.03 -0.30 -2.53
C PRO B 102 21.30 -1.64 -3.22
N PRO B 103 20.40 -2.09 -4.09
CA PRO B 103 20.56 -3.34 -4.84
C PRO B 103 21.86 -3.42 -5.62
N GLY B 104 22.64 -4.46 -5.36
CA GLY B 104 23.90 -4.67 -6.07
C GLY B 104 24.97 -3.65 -5.75
N GLU B 105 24.75 -2.87 -4.70
CA GLU B 105 25.67 -1.82 -4.30
C GLU B 105 26.06 -1.92 -2.83
N ARG B 106 27.26 -1.48 -2.52
CA ARG B 106 27.81 -1.60 -1.17
C ARG B 106 27.07 -0.71 -0.18
N ALA B 107 27.17 -1.06 1.11
CA ALA B 107 26.59 -0.25 2.18
C ALA B 107 27.17 1.16 2.15
N LYS B 108 26.31 2.16 2.32
CA LYS B 108 26.73 3.54 2.12
C LYS B 108 26.08 4.49 3.13
N ASN B 109 26.91 5.24 3.85
CA ASN B 109 26.43 6.20 4.83
C ASN B 109 26.22 7.59 4.22
N ILE B 110 25.02 8.14 4.42
CA ILE B 110 24.70 9.47 3.93
C ILE B 110 24.15 10.33 5.06
N GLN B 111 24.92 11.33 5.48
CA GLN B 111 24.53 12.17 6.60
C GLN B 111 23.53 13.25 6.19
N THR B 112 22.50 13.44 7.00
CA THR B 112 21.44 14.41 6.69
C THR B 112 20.68 14.88 7.93
N LEU B 113 20.16 16.09 7.84
CA LEU B 113 19.30 16.63 8.90
C LEU B 113 17.84 16.36 8.56
N PRO B 114 17.18 15.49 9.34
CA PRO B 114 15.80 15.07 9.08
C PRO B 114 14.80 16.23 9.14
N GLY B 115 13.78 16.15 8.30
CA GLY B 115 12.67 17.08 8.37
C GLY B 115 11.67 16.62 9.39
N ILE B 116 10.40 16.97 9.20
CA ILE B 116 9.35 16.56 10.12
C ILE B 116 8.04 16.27 9.39
N PHE B 117 7.48 15.08 9.65
CA PHE B 117 6.16 14.72 9.16
C PHE B 117 5.10 15.16 10.15
N LYS B 118 4.49 16.31 9.89
CA LYS B 118 3.47 16.86 10.78
C LYS B 118 2.13 16.13 10.61
N THR B 119 1.86 15.20 11.51
CA THR B 119 0.64 14.41 11.46
C THR B 119 -0.36 14.89 12.53
N LYS B 120 -1.55 14.30 12.52
CA LYS B 120 -2.56 14.62 13.50
C LYS B 120 -2.22 13.99 14.86
N ASP B 121 -1.39 12.97 14.83
CA ASP B 121 -0.95 12.30 16.05
C ASP B 121 0.56 12.45 16.24
N GLY B 122 0.97 13.64 16.66
CA GLY B 122 2.38 13.92 16.86
C GLY B 122 3.11 14.12 15.55
N ASP B 123 4.40 14.45 15.63
CA ASP B 123 5.20 14.67 14.44
C ASP B 123 6.27 13.60 14.29
N ILE B 124 6.61 13.28 13.05
CA ILE B 124 7.58 12.23 12.75
C ILE B 124 8.75 12.79 11.96
N GLY B 125 9.97 12.37 12.31
CA GLY B 125 11.15 12.75 11.57
C GLY B 125 11.12 12.18 10.16
N ALA B 126 11.84 12.82 9.25
CA ALA B 126 11.82 12.41 7.85
C ALA B 126 13.09 12.81 7.11
N VAL B 127 13.70 11.83 6.43
CA VAL B 127 14.88 12.08 5.63
C VAL B 127 14.52 12.31 4.17
N ALA B 128 15.01 13.41 3.61
CA ALA B 128 14.72 13.75 2.22
C ALA B 128 15.78 13.18 1.28
N LEU B 129 15.80 11.85 1.17
CA LEU B 129 16.77 11.17 0.32
C LEU B 129 16.08 10.12 -0.55
N ASP B 130 16.47 10.05 -1.82
CA ASP B 130 15.86 9.12 -2.75
C ASP B 130 16.82 7.99 -3.11
N TYR B 131 16.29 6.77 -3.16
CA TYR B 131 17.06 5.58 -3.50
C TYR B 131 16.21 4.63 -4.32
N PRO B 132 16.84 3.72 -5.08
CA PRO B 132 16.05 2.79 -5.90
C PRO B 132 15.19 1.85 -5.07
N ALA B 133 14.09 1.38 -5.66
CA ALA B 133 13.18 0.47 -4.98
C ALA B 133 13.88 -0.83 -4.61
N GLY B 134 14.02 -1.06 -3.31
CA GLY B 134 14.73 -2.22 -2.81
C GLY B 134 15.66 -1.84 -1.68
N THR B 135 15.63 -0.55 -1.32
CA THR B 135 16.49 -0.02 -0.27
C THR B 135 15.72 0.08 1.04
N SER B 136 14.44 -0.32 1.00
CA SER B 136 13.59 -0.29 2.19
C SER B 136 14.16 -1.13 3.31
N GLY B 137 14.07 -0.61 4.54
CA GLY B 137 14.56 -1.31 5.70
C GLY B 137 15.93 -0.84 6.15
N SER B 138 16.53 0.05 5.37
CA SER B 138 17.83 0.61 5.73
C SER B 138 17.71 1.41 7.02
N PRO B 139 18.58 1.13 8.00
CA PRO B 139 18.51 1.75 9.32
C PRO B 139 18.99 3.19 9.33
N ILE B 140 18.25 4.05 10.03
CA ILE B 140 18.68 5.43 10.25
C ILE B 140 19.48 5.48 11.55
N LEU B 141 20.63 6.16 11.52
CA LEU B 141 21.52 6.16 12.67
C LEU B 141 21.78 7.55 13.23
N ASP B 142 21.97 7.62 14.55
CA ASP B 142 22.41 8.85 15.20
C ASP B 142 23.93 8.82 15.39
N LYS B 143 24.47 9.88 15.99
CA LYS B 143 25.92 10.01 16.13
C LYS B 143 26.46 9.21 17.31
N CYS B 144 25.73 8.16 17.67
CA CYS B 144 26.09 7.26 18.75
C CYS B 144 26.07 5.81 18.24
N GLY B 145 25.71 5.64 16.97
CA GLY B 145 25.68 4.33 16.33
C GLY B 145 24.39 3.55 16.53
N ARG B 146 23.40 4.16 17.16
CA ARG B 146 22.13 3.49 17.43
C ARG B 146 21.12 3.61 16.29
N VAL B 147 20.29 2.59 16.11
CA VAL B 147 19.25 2.62 15.08
C VAL B 147 18.03 3.36 15.59
N ILE B 148 17.71 4.50 14.96
CA ILE B 148 16.60 5.32 15.41
C ILE B 148 15.38 5.18 14.50
N GLY B 149 15.45 4.25 13.57
CA GLY B 149 14.35 4.03 12.65
C GLY B 149 14.80 3.39 11.34
N LEU B 150 13.84 3.11 10.47
CA LEU B 150 14.13 2.46 9.20
C LEU B 150 13.71 3.31 8.02
N TYR B 151 14.40 3.13 6.90
CA TYR B 151 14.13 3.85 5.67
C TYR B 151 13.23 3.00 4.75
N GLY B 152 12.36 3.66 3.99
CA GLY B 152 11.47 2.96 3.07
C GLY B 152 10.00 3.31 3.01
N ASN B 153 9.43 3.96 4.02
CA ASN B 153 8.04 4.39 3.96
C ASN B 153 7.90 5.90 4.13
N GLY B 154 7.39 6.56 3.10
CA GLY B 154 7.22 7.99 3.16
C GLY B 154 6.46 8.54 1.96
N VAL B 155 6.90 9.69 1.46
CA VAL B 155 6.23 10.33 0.34
C VAL B 155 7.20 10.88 -0.70
N VAL B 156 6.64 11.27 -1.84
CA VAL B 156 7.37 12.06 -2.81
C VAL B 156 6.64 13.40 -2.97
N ILE B 157 7.41 14.48 -2.99
CA ILE B 157 6.88 15.84 -3.10
C ILE B 157 6.75 16.33 -4.55
N LYS B 158 6.63 17.64 -4.69
CA LYS B 158 6.43 18.30 -5.97
C LYS B 158 7.45 17.86 -6.99
N ASN B 159 8.69 17.82 -6.52
CA ASN B 159 9.83 17.33 -7.24
C ASN B 159 9.74 15.83 -6.97
N GLY B 160 10.39 15.03 -7.79
CA GLY B 160 10.38 13.59 -7.62
C GLY B 160 11.04 13.07 -6.34
N SER B 161 11.96 13.86 -5.78
CA SER B 161 12.71 13.42 -4.60
C SER B 161 11.89 12.73 -3.51
N TYR B 162 12.46 11.68 -2.94
CA TYR B 162 11.82 10.87 -1.91
C TYR B 162 12.06 11.45 -0.50
N VAL B 163 10.98 11.53 0.28
CA VAL B 163 11.07 11.93 1.68
C VAL B 163 10.56 10.80 2.58
N SER B 164 11.45 9.87 2.93
CA SER B 164 11.09 8.75 3.79
C SER B 164 10.93 9.18 5.25
N ALA B 165 9.98 8.55 5.94
CA ALA B 165 9.83 8.79 7.36
C ALA B 165 10.87 7.99 8.14
N ILE B 166 11.21 8.47 9.32
CA ILE B 166 12.08 7.70 10.21
C ILE B 166 11.21 6.76 11.03
N THR B 167 10.86 5.63 10.41
CA THR B 167 9.91 4.69 11.00
C THR B 167 10.52 3.85 12.10
N GLN B 168 10.09 4.07 13.34
CA GLN B 168 10.56 3.31 14.47
C GLN B 168 9.39 2.71 15.25
N GLY B 169 9.57 1.50 15.74
CA GLY B 169 8.55 0.85 16.55
C GLY B 169 8.67 1.21 18.01
N LYS B 170 8.73 0.19 18.87
CA LYS B 170 8.88 0.41 20.30
C LYS B 170 9.38 -0.86 20.98
N ARG B 171 10.40 -0.73 21.82
CA ARG B 171 10.96 -1.86 22.53
C ARG B 171 10.10 -2.23 23.74
N ASP C 7 43.34 1.31 -15.03
CA ASP C 7 43.07 0.59 -16.27
C ASP C 7 41.59 0.23 -16.38
N MET C 8 40.92 0.83 -17.36
CA MET C 8 39.47 0.66 -17.51
C MET C 8 39.12 -0.30 -18.63
N TYR C 9 38.01 -1.03 -18.46
CA TYR C 9 37.52 -1.94 -19.48
C TYR C 9 36.01 -1.80 -19.66
N ILE C 10 35.50 -2.28 -20.79
CA ILE C 10 34.08 -2.21 -21.08
C ILE C 10 33.47 -3.60 -21.28
N GLU C 11 32.18 -3.71 -21.00
CA GLU C 11 31.44 -4.95 -21.23
C GLU C 11 29.96 -4.64 -21.40
N ARG C 12 29.33 -5.33 -22.35
CA ARG C 12 27.97 -4.99 -22.78
C ARG C 12 26.93 -5.08 -21.66
N ALA C 13 26.05 -4.09 -21.60
CA ALA C 13 25.03 -4.04 -20.57
C ALA C 13 23.63 -4.10 -21.17
N GLY C 14 23.56 -4.18 -22.50
CA GLY C 14 22.28 -4.33 -23.18
C GLY C 14 22.19 -3.58 -24.49
N ASP C 15 21.11 -3.84 -25.23
CA ASP C 15 20.85 -3.15 -26.49
C ASP C 15 20.39 -1.72 -26.24
N ILE C 16 20.25 -0.96 -27.32
CA ILE C 16 19.74 0.40 -27.24
C ILE C 16 18.47 0.53 -28.07
N THR C 17 17.33 0.60 -27.38
CA THR C 17 16.04 0.64 -28.05
C THR C 17 14.98 1.27 -27.15
N TRP C 18 13.97 1.87 -27.78
CA TRP C 18 12.90 2.53 -27.05
C TRP C 18 11.90 1.51 -26.49
N GLU C 19 11.42 1.78 -25.27
CA GLU C 19 10.37 0.97 -24.68
C GLU C 19 9.03 1.62 -24.94
N LYS C 20 8.15 0.92 -25.66
CA LYS C 20 6.89 1.49 -26.12
C LYS C 20 5.88 1.74 -25.01
N ASP C 21 6.21 1.33 -23.78
CA ASP C 21 5.33 1.53 -22.63
C ASP C 21 6.13 1.52 -21.33
N ALA C 22 7.05 2.46 -21.19
CA ALA C 22 7.96 2.49 -20.06
C ALA C 22 7.47 3.42 -18.95
N GLU C 23 8.17 3.38 -17.81
CA GLU C 23 7.88 4.24 -16.68
C GLU C 23 8.08 5.72 -17.03
N VAL C 24 7.09 6.54 -16.70
CA VAL C 24 7.14 7.96 -17.03
C VAL C 24 7.18 8.83 -15.76
N THR C 25 8.14 9.75 -15.72
CA THR C 25 8.29 10.67 -14.59
C THR C 25 9.16 11.87 -14.98
N GLY C 26 9.77 12.51 -13.98
CA GLY C 26 10.73 13.57 -14.23
C GLY C 26 10.14 14.93 -14.54
N ASN C 27 10.81 15.98 -14.07
CA ASN C 27 10.38 17.36 -14.32
C ASN C 27 10.95 17.88 -15.63
N SER C 28 10.61 19.14 -15.96
CA SER C 28 11.15 19.80 -17.14
C SER C 28 11.51 21.25 -16.81
N PRO C 29 12.57 21.45 -16.01
CA PRO C 29 12.92 22.79 -15.53
C PRO C 29 13.66 23.63 -16.57
N ARG C 30 13.29 24.90 -16.65
CA ARG C 30 13.98 25.87 -17.50
C ARG C 30 15.03 26.61 -16.68
N LEU C 31 16.29 26.20 -16.82
CA LEU C 31 17.35 26.72 -15.96
C LEU C 31 18.32 27.66 -16.67
N ASP C 32 18.49 28.85 -16.11
CA ASP C 32 19.54 29.77 -16.54
C ASP C 32 20.88 29.26 -16.01
N VAL C 33 21.66 28.63 -16.88
CA VAL C 33 22.93 28.04 -16.46
C VAL C 33 24.12 28.61 -17.22
N ALA C 34 25.32 28.26 -16.77
CA ALA C 34 26.55 28.66 -17.43
C ALA C 34 27.40 27.44 -17.75
N LEU C 35 28.52 27.65 -18.42
CA LEU C 35 29.42 26.56 -18.79
C LEU C 35 30.86 27.07 -18.88
N ASP C 36 31.73 26.53 -18.04
CA ASP C 36 33.11 27.00 -17.95
C ASP C 36 34.01 26.31 -18.96
N GLU C 37 35.29 26.66 -18.93
CA GLU C 37 36.29 26.09 -19.84
C GLU C 37 36.55 24.62 -19.54
N SER C 38 36.16 24.18 -18.34
CA SER C 38 36.38 22.80 -17.93
C SER C 38 35.13 21.92 -18.09
N GLY C 39 34.13 22.46 -18.79
CA GLY C 39 32.95 21.68 -19.13
C GLY C 39 31.93 21.49 -18.02
N ASP C 40 32.05 22.29 -16.96
CA ASP C 40 31.11 22.20 -15.84
C ASP C 40 29.99 23.23 -15.95
N PHE C 41 28.77 22.81 -15.64
CA PHE C 41 27.64 23.71 -15.62
C PHE C 41 27.42 24.31 -14.24
N SER C 42 26.98 25.56 -14.19
CA SER C 42 26.68 26.22 -12.92
C SER C 42 25.43 27.10 -13.07
N LEU C 43 24.70 27.26 -11.98
CA LEU C 43 23.43 27.99 -12.01
C LEU C 43 23.64 29.50 -12.07
N VAL C 44 22.74 30.19 -12.78
CA VAL C 44 22.73 31.64 -12.83
C VAL C 44 21.43 32.15 -12.22
N GLU C 45 21.54 33.14 -11.35
CA GLU C 45 20.37 33.70 -10.68
C GLU C 45 20.28 35.21 -10.89
N LYS D 16 39.62 -5.98 -31.30
CA LYS D 16 39.29 -4.99 -30.28
C LYS D 16 38.09 -5.42 -29.43
N GLY D 17 37.86 -6.73 -29.36
CA GLY D 17 36.78 -7.27 -28.56
C GLY D 17 35.43 -7.04 -29.21
N GLU D 18 34.36 -7.31 -28.47
CA GLU D 18 33.01 -7.14 -28.99
C GLU D 18 32.71 -5.68 -29.25
N THR D 19 32.31 -5.35 -30.47
CA THR D 19 32.03 -3.97 -30.81
C THR D 19 30.63 -3.79 -31.40
N THR D 20 29.73 -4.70 -31.06
CA THR D 20 28.35 -4.63 -31.53
C THR D 20 27.64 -3.44 -30.89
N ASP D 21 26.61 -2.94 -31.56
CA ASP D 21 25.86 -1.79 -31.07
C ASP D 21 25.13 -2.13 -29.77
N GLY D 22 25.28 -1.26 -28.77
CA GLY D 22 24.66 -1.47 -27.48
C GLY D 22 25.26 -0.57 -26.41
N VAL D 23 24.78 -0.73 -25.18
CA VAL D 23 25.26 0.07 -24.07
C VAL D 23 26.28 -0.73 -23.25
N TYR D 24 27.29 -0.03 -22.73
CA TYR D 24 28.41 -0.69 -22.05
C TYR D 24 28.75 -0.04 -20.72
N ARG D 25 29.16 -0.86 -19.75
CA ARG D 25 29.64 -0.36 -18.47
C ARG D 25 31.13 -0.09 -18.53
N VAL D 26 31.55 1.07 -18.04
CA VAL D 26 32.97 1.37 -17.91
C VAL D 26 33.44 1.05 -16.49
N MET D 27 34.23 -0.01 -16.37
CA MET D 27 34.65 -0.51 -15.06
C MET D 27 36.12 -0.19 -14.78
N THR D 28 36.51 -0.34 -13.51
CA THR D 28 37.90 -0.14 -13.12
C THR D 28 38.30 -1.12 -12.02
N ARG D 29 39.57 -1.48 -11.98
CA ARG D 29 40.10 -2.36 -10.95
C ARG D 29 41.05 -1.58 -10.05
N ARG D 30 40.98 -0.25 -10.15
CA ARG D 30 41.86 0.63 -9.39
C ARG D 30 41.48 0.65 -7.91
N LEU D 31 40.21 0.37 -7.62
CA LEU D 31 39.74 0.31 -6.24
C LEU D 31 39.58 -1.14 -5.79
N LEU D 32 39.17 -1.32 -4.55
CA LEU D 32 38.98 -2.66 -3.97
C LEU D 32 37.98 -3.51 -4.79
N GLY D 33 36.70 -3.16 -4.73
CA GLY D 33 35.69 -3.91 -5.46
C GLY D 33 35.60 -3.40 -6.89
N SER D 34 35.18 -4.25 -7.81
CA SER D 34 35.14 -3.82 -9.21
C SER D 34 34.09 -2.73 -9.34
N THR D 35 34.56 -1.50 -9.54
CA THR D 35 33.67 -0.34 -9.51
C THR D 35 33.25 0.12 -10.91
N GLN D 36 31.96 0.44 -11.06
CA GLN D 36 31.45 1.02 -12.29
C GLN D 36 31.59 2.54 -12.26
N VAL D 37 32.52 3.05 -13.07
CA VAL D 37 32.80 4.48 -13.09
C VAL D 37 32.20 5.19 -14.30
N GLY D 38 31.26 4.54 -14.98
CA GLY D 38 30.61 5.15 -16.12
C GLY D 38 29.92 4.20 -17.07
N VAL D 39 29.16 4.79 -18.00
CA VAL D 39 28.45 4.02 -19.02
C VAL D 39 28.90 4.52 -20.40
N GLY D 40 28.66 3.72 -21.43
CA GLY D 40 29.04 4.12 -22.78
C GLY D 40 28.22 3.45 -23.85
N VAL D 41 28.12 4.12 -25.00
CA VAL D 41 27.37 3.59 -26.13
C VAL D 41 28.32 3.23 -27.28
N MET D 42 28.29 1.97 -27.68
CA MET D 42 29.02 1.51 -28.85
C MET D 42 28.10 1.60 -30.06
N GLN D 43 28.50 2.38 -31.05
CA GLN D 43 27.69 2.52 -32.26
C GLN D 43 28.59 2.75 -33.48
N GLU D 44 28.35 1.96 -34.52
CA GLU D 44 29.09 2.04 -35.77
C GLU D 44 30.60 1.83 -35.57
N GLY D 45 30.94 1.00 -34.58
CA GLY D 45 32.32 0.67 -34.31
C GLY D 45 33.03 1.66 -33.41
N VAL D 46 32.32 2.67 -32.96
CA VAL D 46 32.89 3.71 -32.10
C VAL D 46 32.27 3.69 -30.71
N PHE D 47 33.12 3.80 -29.68
CA PHE D 47 32.64 3.86 -28.30
C PHE D 47 32.51 5.30 -27.83
N HIS D 48 31.29 5.68 -27.47
CA HIS D 48 31.01 7.04 -27.03
C HIS D 48 30.75 7.09 -25.52
N THR D 49 31.35 8.08 -24.85
CA THR D 49 31.12 8.29 -23.42
C THR D 49 31.54 9.69 -23.00
N MET D 50 31.31 10.02 -21.73
CA MET D 50 31.68 11.30 -21.19
C MET D 50 33.19 11.36 -20.94
N TRP D 51 33.76 12.55 -21.04
CA TRP D 51 35.19 12.71 -20.85
C TRP D 51 35.58 12.45 -19.39
N HIS D 52 34.80 12.99 -18.46
CA HIS D 52 35.13 12.88 -17.03
C HIS D 52 35.07 11.45 -16.52
N VAL D 53 34.53 10.55 -17.34
CA VAL D 53 34.49 9.13 -17.00
C VAL D 53 35.86 8.49 -17.16
N THR D 54 36.44 8.64 -18.34
CA THR D 54 37.71 7.99 -18.66
C THR D 54 38.89 8.95 -18.61
N LYS D 55 38.58 10.25 -18.60
CA LYS D 55 39.60 11.30 -18.65
C LYS D 55 40.50 11.18 -19.88
N GLY D 56 39.94 10.62 -20.95
CA GLY D 56 40.66 10.46 -22.20
C GLY D 56 41.57 9.25 -22.23
N ALA D 57 41.61 8.50 -21.13
CA ALA D 57 42.47 7.33 -21.04
C ALA D 57 41.97 6.21 -21.95
N ALA D 58 42.89 5.39 -22.46
CA ALA D 58 42.55 4.27 -23.31
C ALA D 58 41.73 3.24 -22.54
N LEU D 59 40.92 2.47 -23.27
CA LEU D 59 40.03 1.50 -22.65
C LEU D 59 40.34 0.07 -23.08
N ARG D 60 39.94 -0.88 -22.24
CA ARG D 60 40.15 -2.29 -22.52
C ARG D 60 38.85 -2.93 -22.98
N SER D 61 38.95 -3.97 -23.81
CA SER D 61 37.78 -4.68 -24.30
C SER D 61 38.15 -6.14 -24.53
N GLY D 62 38.45 -6.83 -23.44
CA GLY D 62 39.05 -8.15 -23.52
C GLY D 62 40.55 -7.99 -23.63
N GLU D 63 41.09 -8.32 -24.80
CA GLU D 63 42.50 -8.04 -25.10
C GLU D 63 42.76 -7.69 -26.56
N GLY D 64 42.21 -6.58 -27.06
CA GLY D 64 41.31 -5.72 -26.32
C GLY D 64 41.90 -4.40 -25.82
N ARG D 65 41.97 -3.42 -26.72
CA ARG D 65 42.34 -2.06 -26.33
C ARG D 65 41.73 -1.04 -27.27
N LEU D 66 41.14 0.01 -26.71
CA LEU D 66 40.57 1.10 -27.50
C LEU D 66 41.32 2.41 -27.23
N ASP D 67 41.91 2.97 -28.27
CA ASP D 67 42.56 4.27 -28.16
C ASP D 67 41.57 5.38 -28.47
N PRO D 68 41.63 6.48 -27.69
CA PRO D 68 40.74 7.62 -27.93
C PRO D 68 40.99 8.26 -29.29
N TYR D 69 39.92 8.60 -30.00
CA TYR D 69 40.03 9.19 -31.32
C TYR D 69 39.91 10.71 -31.26
N TRP D 70 38.83 11.18 -30.64
CA TRP D 70 38.57 12.60 -30.52
C TRP D 70 38.11 12.93 -29.10
N GLY D 71 38.44 14.12 -28.62
CA GLY D 71 38.04 14.52 -27.29
C GLY D 71 37.96 16.02 -27.08
N ASP D 72 37.12 16.43 -26.13
CA ASP D 72 37.00 17.83 -25.75
C ASP D 72 36.41 17.93 -24.35
N VAL D 73 37.18 18.48 -23.42
CA VAL D 73 36.78 18.58 -22.02
C VAL D 73 35.55 19.48 -21.86
N LYS D 74 35.52 20.58 -22.60
CA LYS D 74 34.40 21.51 -22.50
C LYS D 74 33.09 20.85 -22.94
N GLN D 75 33.17 20.02 -23.96
CA GLN D 75 32.01 19.23 -24.39
C GLN D 75 31.78 18.05 -23.44
N ASP D 76 32.82 17.69 -22.71
CA ASP D 76 32.80 16.54 -21.79
C ASP D 76 32.42 15.27 -22.53
N LEU D 77 33.03 15.08 -23.70
CA LEU D 77 32.78 13.89 -24.51
C LEU D 77 34.10 13.32 -25.04
N VAL D 78 34.07 12.04 -25.41
CA VAL D 78 35.24 11.39 -26.00
C VAL D 78 34.81 10.17 -26.81
N SER D 79 35.47 9.95 -27.93
CA SER D 79 35.15 8.83 -28.80
C SER D 79 36.35 7.90 -28.95
N TYR D 80 36.09 6.62 -29.17
CA TYR D 80 37.14 5.62 -29.31
C TYR D 80 37.05 4.91 -30.65
N CYS D 81 38.22 4.64 -31.24
CA CYS D 81 38.34 3.90 -32.50
C CYS D 81 37.75 4.64 -33.71
N GLY D 82 37.28 5.86 -33.50
CA GLY D 82 36.71 6.64 -34.58
C GLY D 82 36.01 7.90 -34.13
N PRO D 83 35.54 8.71 -35.11
CA PRO D 83 34.87 9.98 -34.83
C PRO D 83 33.48 9.79 -34.20
N TRP D 84 32.91 10.87 -33.67
CA TRP D 84 31.59 10.83 -33.05
C TRP D 84 30.53 10.42 -34.07
N LYS D 85 29.67 9.49 -33.67
CA LYS D 85 28.71 8.90 -34.60
C LYS D 85 27.27 9.21 -34.27
N LEU D 86 27.05 9.92 -33.16
CA LEU D 86 25.69 10.18 -32.67
C LEU D 86 25.19 11.53 -33.19
N ASP D 87 24.18 11.49 -34.07
CA ASP D 87 23.71 12.68 -34.75
C ASP D 87 22.28 13.08 -34.40
N ALA D 88 21.57 12.20 -33.70
CA ALA D 88 20.18 12.47 -33.33
C ALA D 88 20.09 13.58 -32.29
N ALA D 89 18.98 14.31 -32.30
CA ALA D 89 18.80 15.43 -31.38
C ALA D 89 17.35 15.53 -30.92
N TRP D 90 17.17 16.05 -29.70
CA TRP D 90 15.84 16.21 -29.11
C TRP D 90 15.02 17.26 -29.86
N ASP D 91 13.74 16.99 -30.05
CA ASP D 91 12.89 17.90 -30.82
C ASP D 91 12.43 19.10 -30.01
N GLY D 92 12.75 19.11 -28.72
CA GLY D 92 12.36 20.21 -27.86
C GLY D 92 10.88 20.17 -27.53
N LEU D 93 10.23 19.05 -27.82
CA LEU D 93 8.79 18.93 -27.56
C LEU D 93 8.38 17.60 -26.91
N SER D 94 9.04 16.51 -27.28
CA SER D 94 8.62 15.19 -26.83
C SER D 94 9.36 14.73 -25.58
N GLU D 95 8.83 13.68 -24.95
CA GLU D 95 9.49 13.05 -23.81
C GLU D 95 10.61 12.14 -24.28
N VAL D 96 11.56 11.87 -23.39
CA VAL D 96 12.71 11.04 -23.73
C VAL D 96 12.92 9.93 -22.70
N GLN D 97 13.59 8.87 -23.10
CA GLN D 97 13.89 7.76 -22.21
C GLN D 97 15.38 7.67 -21.89
N LEU D 98 15.70 7.74 -20.61
CA LEU D 98 17.08 7.59 -20.15
C LEU D 98 17.41 6.12 -19.91
N LEU D 99 18.24 5.56 -20.77
CA LEU D 99 18.70 4.18 -20.60
C LEU D 99 19.74 4.15 -19.49
N ALA D 100 19.28 4.21 -18.25
CA ALA D 100 20.15 4.28 -17.08
C ALA D 100 20.83 2.94 -16.81
N VAL D 101 22.15 2.97 -16.69
CA VAL D 101 22.90 1.78 -16.30
C VAL D 101 23.67 2.07 -15.01
N PRO D 102 23.00 1.91 -13.85
CA PRO D 102 23.61 2.19 -12.55
C PRO D 102 24.59 1.09 -12.14
N PRO D 103 25.54 1.42 -11.26
CA PRO D 103 26.52 0.44 -10.76
C PRO D 103 25.87 -0.78 -10.12
N GLY D 104 26.21 -1.96 -10.62
CA GLY D 104 25.69 -3.21 -10.08
C GLY D 104 24.20 -3.39 -10.30
N GLU D 105 23.63 -2.57 -11.19
CA GLU D 105 22.21 -2.62 -11.47
C GLU D 105 21.93 -2.71 -12.97
N ARG D 106 20.83 -3.37 -13.31
CA ARG D 106 20.49 -3.66 -14.70
C ARG D 106 20.14 -2.40 -15.49
N ALA D 107 20.21 -2.50 -16.81
CA ALA D 107 19.82 -1.40 -17.69
C ALA D 107 18.36 -1.02 -17.47
N LYS D 108 18.12 0.22 -17.08
CA LYS D 108 16.80 0.65 -16.65
C LYS D 108 16.34 1.90 -17.40
N ASN D 109 15.26 1.75 -18.16
CA ASN D 109 14.70 2.87 -18.92
C ASN D 109 13.76 3.74 -18.09
N ILE D 110 13.98 5.05 -18.15
CA ILE D 110 13.14 6.01 -17.44
C ILE D 110 12.70 7.12 -18.38
N GLN D 111 11.40 7.19 -18.66
CA GLN D 111 10.88 8.20 -19.57
C GLN D 111 10.62 9.52 -18.86
N THR D 112 11.03 10.62 -19.49
CA THR D 112 10.86 11.95 -18.91
C THR D 112 10.81 13.03 -19.98
N LEU D 113 10.16 14.14 -19.65
CA LEU D 113 10.14 15.30 -20.53
C LEU D 113 11.27 16.25 -20.17
N PRO D 114 12.22 16.44 -21.10
CA PRO D 114 13.43 17.25 -20.85
C PRO D 114 13.14 18.71 -20.52
N GLY D 115 13.97 19.29 -19.66
CA GLY D 115 13.90 20.71 -19.37
C GLY D 115 14.76 21.47 -20.36
N ILE D 116 15.24 22.64 -19.95
CA ILE D 116 16.07 23.47 -20.82
C ILE D 116 17.20 24.14 -20.05
N PHE D 117 18.43 23.94 -20.53
CA PHE D 117 19.59 24.66 -20.02
C PHE D 117 19.79 25.95 -20.81
N LYS D 118 19.31 27.05 -20.26
CA LYS D 118 19.41 28.34 -20.93
C LYS D 118 20.81 28.94 -20.77
N THR D 119 21.64 28.75 -21.79
CA THR D 119 22.99 29.28 -21.80
C THR D 119 23.08 30.55 -22.64
N LYS D 120 24.26 31.15 -22.69
CA LYS D 120 24.47 32.36 -23.46
C LYS D 120 24.65 32.04 -24.94
N ASP D 121 24.92 30.77 -25.24
CA ASP D 121 25.04 30.31 -26.62
C ASP D 121 24.04 29.19 -26.89
N GLY D 122 22.79 29.57 -27.13
CA GLY D 122 21.74 28.61 -27.39
C GLY D 122 21.29 27.90 -26.12
N ASP D 123 20.24 27.10 -26.24
CA ASP D 123 19.71 26.37 -25.09
C ASP D 123 19.91 24.87 -25.24
N ILE D 124 20.07 24.18 -24.12
CA ILE D 124 20.32 22.74 -24.12
C ILE D 124 19.22 21.98 -23.38
N GLY D 125 18.87 20.81 -23.89
CA GLY D 125 17.92 19.94 -23.20
C GLY D 125 18.54 19.39 -21.93
N ALA D 126 17.70 18.98 -21.00
CA ALA D 126 18.18 18.49 -19.70
C ALA D 126 17.18 17.57 -19.02
N VAL D 127 17.70 16.52 -18.40
CA VAL D 127 16.85 15.56 -17.68
C VAL D 127 17.02 15.71 -16.16
N ALA D 128 15.89 15.88 -15.47
CA ALA D 128 15.92 16.06 -14.03
C ALA D 128 15.85 14.72 -13.30
N LEU D 129 16.90 13.91 -13.46
CA LEU D 129 16.95 12.59 -12.84
C LEU D 129 18.29 12.38 -12.12
N ASP D 130 18.22 11.90 -10.88
CA ASP D 130 19.42 11.69 -10.08
C ASP D 130 19.77 10.20 -10.01
N TYR D 131 21.05 9.90 -10.18
CA TYR D 131 21.53 8.52 -10.18
C TYR D 131 22.90 8.42 -9.51
N PRO D 132 23.23 7.25 -8.93
CA PRO D 132 24.48 7.08 -8.19
C PRO D 132 25.73 7.38 -9.02
N ALA D 133 26.83 7.66 -8.33
CA ALA D 133 28.09 8.01 -8.99
C ALA D 133 28.61 6.85 -9.83
N GLY D 134 28.65 7.05 -11.14
CA GLY D 134 29.12 6.04 -12.06
C GLY D 134 28.07 5.70 -13.11
N THR D 135 27.08 6.58 -13.25
CA THR D 135 26.00 6.38 -14.20
C THR D 135 26.22 7.24 -15.44
N SER D 136 27.28 8.05 -15.41
CA SER D 136 27.60 8.93 -16.53
C SER D 136 27.84 8.17 -17.82
N GLY D 137 27.42 8.74 -18.93
CA GLY D 137 27.57 8.12 -20.23
C GLY D 137 26.33 7.37 -20.67
N SER D 138 25.29 7.41 -19.84
CA SER D 138 24.03 6.76 -20.18
C SER D 138 23.35 7.54 -21.31
N PRO D 139 23.01 6.84 -22.40
CA PRO D 139 22.44 7.48 -23.59
C PRO D 139 20.98 7.89 -23.42
N ILE D 140 20.66 9.14 -23.76
CA ILE D 140 19.29 9.60 -23.79
C ILE D 140 18.65 9.20 -25.12
N LEU D 141 17.42 8.69 -25.08
CA LEU D 141 16.77 8.20 -26.29
C LEU D 141 15.51 8.97 -26.67
N ASP D 142 15.16 8.91 -27.95
CA ASP D 142 13.88 9.41 -28.44
C ASP D 142 12.99 8.22 -28.80
N LYS D 143 11.77 8.50 -29.28
CA LYS D 143 10.78 7.44 -29.50
C LYS D 143 11.19 6.47 -30.62
N CYS D 144 12.26 6.85 -31.32
CA CYS D 144 12.77 6.07 -32.45
C CYS D 144 14.01 5.26 -32.07
N GLY D 145 14.37 5.27 -30.79
CA GLY D 145 15.51 4.52 -30.29
C GLY D 145 16.85 5.08 -30.73
N ARG D 146 16.93 6.40 -30.87
CA ARG D 146 18.15 7.04 -31.33
C ARG D 146 18.83 7.76 -30.16
N VAL D 147 20.17 7.70 -30.09
CA VAL D 147 20.87 8.38 -29.02
C VAL D 147 20.90 9.87 -29.31
N ILE D 148 20.26 10.67 -28.47
CA ILE D 148 20.20 12.10 -28.67
C ILE D 148 21.14 12.84 -27.73
N GLY D 149 21.97 12.09 -27.01
CA GLY D 149 22.89 12.68 -26.05
C GLY D 149 23.21 11.72 -24.93
N LEU D 150 24.06 12.15 -24.01
CA LEU D 150 24.49 11.31 -22.91
C LEU D 150 24.18 11.94 -21.55
N TYR D 151 23.94 11.08 -20.57
CA TYR D 151 23.65 11.50 -19.20
C TYR D 151 24.94 11.55 -18.39
N GLY D 152 25.13 12.60 -17.60
CA GLY D 152 26.30 12.68 -16.75
C GLY D 152 26.77 14.07 -16.36
N ASN D 153 26.65 15.03 -17.28
CA ASN D 153 27.14 16.38 -17.02
C ASN D 153 26.00 17.39 -16.91
N GLY D 154 25.83 17.96 -15.71
CA GLY D 154 24.78 18.92 -15.49
C GLY D 154 24.89 19.62 -14.15
N VAL D 155 23.74 19.89 -13.53
CA VAL D 155 23.71 20.59 -12.25
C VAL D 155 22.73 19.98 -11.27
N VAL D 156 23.00 20.23 -9.99
CA VAL D 156 22.01 19.95 -8.95
C VAL D 156 21.36 21.26 -8.52
N ILE D 157 20.03 21.26 -8.46
CA ILE D 157 19.27 22.45 -8.08
C ILE D 157 19.13 22.59 -6.56
N LYS D 158 18.26 23.50 -6.14
CA LYS D 158 18.13 23.90 -4.74
C LYS D 158 17.79 22.73 -3.81
N ASN D 159 16.88 21.87 -4.24
CA ASN D 159 16.51 20.71 -3.46
C ASN D 159 17.65 19.71 -3.30
N GLY D 160 18.41 19.53 -4.38
CA GLY D 160 19.51 18.58 -4.41
C GLY D 160 19.36 17.50 -5.48
N SER D 161 18.22 17.51 -6.16
CA SER D 161 17.96 16.58 -7.27
C SER D 161 18.80 16.94 -8.48
N TYR D 162 19.32 15.94 -9.19
CA TYR D 162 20.24 16.17 -10.31
C TYR D 162 19.53 16.44 -11.63
N VAL D 163 19.98 17.49 -12.32
CA VAL D 163 19.48 17.82 -13.65
C VAL D 163 20.60 17.75 -14.68
N SER D 164 20.80 16.57 -15.25
CA SER D 164 21.85 16.38 -16.25
C SER D 164 21.46 16.95 -17.60
N ALA D 165 22.43 17.54 -18.29
CA ALA D 165 22.19 18.03 -19.65
C ALA D 165 22.14 16.86 -20.62
N ILE D 166 21.51 17.08 -21.77
CA ILE D 166 21.52 16.09 -22.84
C ILE D 166 22.72 16.39 -23.74
N THR D 167 23.89 15.95 -23.30
CA THR D 167 25.14 16.28 -23.97
C THR D 167 25.33 15.48 -25.26
N GLN D 168 25.22 16.17 -26.39
CA GLN D 168 25.42 15.55 -27.70
C GLN D 168 26.55 16.22 -28.46
N GLY D 169 27.36 15.42 -29.14
CA GLY D 169 28.45 15.94 -29.94
C GLY D 169 27.96 16.47 -31.29
N LYS D 170 28.61 16.04 -32.36
CA LYS D 170 28.24 16.45 -33.71
C LYS D 170 28.77 15.49 -34.75
N ARG D 171 27.93 15.11 -35.70
CA ARG D 171 28.33 14.20 -36.76
C ARG D 171 28.94 14.95 -37.94
N ASP E 7 -1.39 -23.27 0.64
CA ASP E 7 -2.15 -22.12 1.11
C ASP E 7 -3.40 -22.54 1.88
N MET E 8 -3.40 -22.27 3.19
CA MET E 8 -4.54 -22.59 4.03
C MET E 8 -5.74 -21.72 3.65
N TYR E 9 -6.94 -22.27 3.80
CA TYR E 9 -8.16 -21.55 3.42
C TYR E 9 -9.19 -21.56 4.55
N ILE E 10 -10.12 -20.61 4.49
CA ILE E 10 -11.16 -20.52 5.51
C ILE E 10 -12.55 -20.80 4.94
N GLU E 11 -13.42 -21.34 5.79
CA GLU E 11 -14.81 -21.57 5.45
C GLU E 11 -15.69 -21.38 6.67
N ARG E 12 -16.90 -20.86 6.46
CA ARG E 12 -17.75 -20.42 7.56
C ARG E 12 -18.21 -21.57 8.45
N ALA E 13 -18.49 -21.25 9.72
CA ALA E 13 -18.89 -22.26 10.69
C ALA E 13 -20.26 -21.93 11.30
N GLY E 14 -20.59 -20.65 11.37
CA GLY E 14 -21.88 -20.23 11.89
C GLY E 14 -21.92 -18.82 12.43
N ASP E 15 -23.02 -18.49 13.09
CA ASP E 15 -23.19 -17.17 13.70
C ASP E 15 -22.67 -17.13 15.12
N ILE E 16 -21.85 -16.12 15.41
CA ILE E 16 -21.32 -15.94 16.76
C ILE E 16 -22.42 -15.39 17.68
N THR E 17 -23.12 -16.30 18.35
CA THR E 17 -24.21 -15.93 19.24
C THR E 17 -24.15 -16.70 20.54
N TRP E 18 -24.94 -16.26 21.52
CA TRP E 18 -25.11 -16.99 22.76
C TRP E 18 -26.30 -17.93 22.64
N GLU E 19 -26.13 -19.17 23.09
CA GLU E 19 -27.23 -20.14 23.09
C GLU E 19 -27.74 -20.34 24.50
N LYS E 20 -28.99 -19.94 24.74
CA LYS E 20 -29.60 -20.04 26.05
C LYS E 20 -29.66 -21.49 26.53
N ASP E 21 -29.78 -22.42 25.60
CA ASP E 21 -29.82 -23.84 25.93
C ASP E 21 -28.46 -24.48 25.65
N ALA E 22 -27.60 -24.51 26.66
CA ALA E 22 -26.25 -25.05 26.51
C ALA E 22 -25.83 -25.88 27.71
N GLU E 23 -25.15 -26.99 27.43
CA GLU E 23 -24.66 -27.87 28.48
C GLU E 23 -23.52 -27.24 29.25
N VAL E 24 -23.68 -27.12 30.57
CA VAL E 24 -22.66 -26.52 31.42
C VAL E 24 -21.66 -27.57 31.91
N THR E 25 -20.38 -27.30 31.75
CA THR E 25 -19.33 -28.21 32.20
C THR E 25 -18.03 -27.47 32.45
N GLY E 26 -17.08 -28.16 33.07
CA GLY E 26 -15.76 -27.59 33.34
C GLY E 26 -15.71 -26.89 34.68
N ASN E 27 -14.56 -27.00 35.36
CA ASN E 27 -14.36 -26.37 36.64
C ASN E 27 -13.88 -24.93 36.50
N SER E 28 -13.53 -24.29 37.62
CA SER E 28 -13.04 -22.92 37.59
C SER E 28 -11.80 -22.76 38.47
N PRO E 29 -10.66 -23.28 38.00
CA PRO E 29 -9.42 -23.25 38.79
C PRO E 29 -8.75 -21.89 38.78
N ARG E 30 -7.98 -21.59 39.83
CA ARG E 30 -7.21 -20.37 39.92
C ARG E 30 -5.72 -20.69 39.97
N LEU E 31 -5.02 -20.43 38.87
CA LEU E 31 -3.65 -20.90 38.71
C LEU E 31 -2.64 -19.76 38.54
N ASP E 32 -1.52 -19.86 39.25
CA ASP E 32 -0.39 -18.97 39.04
C ASP E 32 0.42 -19.46 37.83
N VAL E 33 0.37 -18.70 36.74
CA VAL E 33 1.03 -19.13 35.51
C VAL E 33 2.08 -18.12 35.05
N ALA E 34 2.96 -18.57 34.16
CA ALA E 34 3.99 -17.71 33.60
C ALA E 34 4.06 -17.85 32.08
N LEU E 35 4.09 -16.70 31.39
CA LEU E 35 4.14 -16.68 29.93
C LEU E 35 5.53 -16.32 29.44
N ASP E 36 6.14 -17.21 28.66
CA ASP E 36 7.47 -16.95 28.12
C ASP E 36 7.40 -16.09 26.87
N GLU E 37 8.56 -15.77 26.31
CA GLU E 37 8.64 -14.92 25.12
C GLU E 37 8.18 -15.68 23.88
N SER E 38 8.09 -17.01 24.00
CA SER E 38 7.69 -17.85 22.87
C SER E 38 6.18 -18.11 22.84
N GLY E 39 5.45 -17.43 23.72
CA GLY E 39 4.01 -17.54 23.76
C GLY E 39 3.49 -18.78 24.45
N ASP E 40 4.39 -19.50 25.12
CA ASP E 40 4.00 -20.72 25.83
C ASP E 40 3.77 -20.44 27.31
N PHE E 41 2.59 -20.78 27.79
CA PHE E 41 2.27 -20.65 29.21
C PHE E 41 2.95 -21.73 30.04
N SER E 42 3.23 -21.42 31.30
CA SER E 42 3.79 -22.38 32.24
C SER E 42 3.41 -22.04 33.68
N LEU E 43 3.56 -23.00 34.58
CA LEU E 43 3.21 -22.79 35.99
C LEU E 43 4.38 -22.21 36.81
N VAL E 44 4.09 -21.86 38.05
CA VAL E 44 5.08 -21.31 38.98
C VAL E 44 5.57 -22.37 39.97
N GLU F 18 -14.93 -14.28 1.02
CA GLU F 18 -16.07 -14.09 1.91
C GLU F 18 -15.76 -13.05 2.99
N THR F 19 -16.63 -12.05 3.11
CA THR F 19 -16.40 -10.94 4.03
C THR F 19 -17.42 -10.90 5.17
N THR F 20 -18.37 -11.83 5.14
CA THR F 20 -19.45 -11.84 6.13
C THR F 20 -18.93 -12.18 7.53
N ASP F 21 -19.38 -11.40 8.52
CA ASP F 21 -18.99 -11.63 9.91
C ASP F 21 -19.46 -13.00 10.40
N GLY F 22 -18.77 -13.52 11.42
CA GLY F 22 -19.12 -14.81 11.98
C GLY F 22 -17.89 -15.64 12.31
N VAL F 23 -18.12 -16.88 12.72
CA VAL F 23 -17.02 -17.79 13.07
C VAL F 23 -16.66 -18.66 11.87
N TYR F 24 -15.37 -18.82 11.63
CA TYR F 24 -14.89 -19.55 10.47
C TYR F 24 -13.90 -20.66 10.84
N ARG F 25 -13.84 -21.69 10.00
CA ARG F 25 -12.87 -22.77 10.15
C ARG F 25 -11.62 -22.44 9.35
N VAL F 26 -10.46 -22.77 9.90
CA VAL F 26 -9.21 -22.60 9.15
C VAL F 26 -8.77 -23.96 8.60
N MET F 27 -8.84 -24.11 7.29
CA MET F 27 -8.62 -25.41 6.66
C MET F 27 -7.40 -25.43 5.74
N THR F 28 -6.92 -26.63 5.44
CA THR F 28 -5.88 -26.82 4.45
C THR F 28 -6.01 -28.22 3.85
N ARG F 29 -5.78 -28.32 2.54
CA ARG F 29 -5.83 -29.59 1.84
C ARG F 29 -4.43 -30.19 1.72
N ARG F 30 -3.53 -29.72 2.57
CA ARG F 30 -2.14 -30.17 2.60
C ARG F 30 -1.96 -31.64 2.97
N LEU F 31 -2.85 -32.09 3.86
CA LEU F 31 -2.89 -33.44 4.40
C LEU F 31 -3.66 -34.45 3.57
N LEU F 32 -3.94 -35.61 4.17
CA LEU F 32 -4.61 -36.70 3.47
C LEU F 32 -5.83 -36.18 2.74
N GLY F 33 -6.62 -35.35 3.40
CA GLY F 33 -7.78 -34.75 2.77
C GLY F 33 -7.91 -33.31 3.26
N SER F 34 -9.07 -32.97 3.78
CA SER F 34 -9.25 -31.68 4.43
C SER F 34 -8.76 -31.78 5.87
N THR F 35 -8.12 -30.73 6.37
CA THR F 35 -7.59 -30.73 7.73
C THR F 35 -7.80 -29.38 8.40
N GLN F 36 -8.58 -29.37 9.47
CA GLN F 36 -8.81 -28.15 10.24
C GLN F 36 -7.65 -27.86 11.18
N VAL F 37 -6.90 -26.81 10.87
CA VAL F 37 -5.74 -26.43 11.69
C VAL F 37 -6.14 -25.50 12.83
N GLY F 38 -7.33 -24.91 12.72
CA GLY F 38 -7.82 -24.01 13.75
C GLY F 38 -9.12 -23.31 13.43
N VAL F 39 -9.50 -22.39 14.29
CA VAL F 39 -10.74 -21.64 14.14
C VAL F 39 -10.42 -20.14 14.14
N GLY F 40 -11.33 -19.32 13.61
CA GLY F 40 -11.18 -17.89 13.65
C GLY F 40 -12.52 -17.19 13.65
N VAL F 41 -12.51 -15.89 13.94
CA VAL F 41 -13.73 -15.09 13.90
C VAL F 41 -13.59 -13.96 12.89
N MET F 42 -14.69 -13.62 12.23
CA MET F 42 -14.72 -12.51 11.28
C MET F 42 -15.57 -11.39 11.86
N GLN F 43 -14.99 -10.19 11.94
CA GLN F 43 -15.69 -9.05 12.52
C GLN F 43 -15.20 -7.74 11.95
N GLU F 44 -16.13 -6.98 11.38
CA GLU F 44 -15.85 -5.66 10.80
C GLU F 44 -14.76 -5.75 9.72
N GLY F 45 -14.87 -6.75 8.87
CA GLY F 45 -13.94 -6.92 7.77
C GLY F 45 -12.59 -7.47 8.19
N VAL F 46 -12.45 -7.82 9.47
CA VAL F 46 -11.18 -8.32 9.99
C VAL F 46 -11.34 -9.74 10.53
N PHE F 47 -10.43 -10.62 10.10
CA PHE F 47 -10.44 -12.01 10.54
C PHE F 47 -9.44 -12.23 11.68
N HIS F 48 -9.95 -12.64 12.83
CA HIS F 48 -9.10 -12.85 14.01
C HIS F 48 -8.92 -14.34 14.31
N THR F 49 -7.69 -14.71 14.66
CA THR F 49 -7.40 -16.09 15.06
C THR F 49 -6.11 -16.13 15.87
N MET F 50 -5.78 -17.31 16.40
CA MET F 50 -4.55 -17.45 17.17
C MET F 50 -3.36 -17.59 16.22
N TRP F 51 -2.17 -17.22 16.71
CA TRP F 51 -1.00 -17.17 15.86
C TRP F 51 -0.49 -18.56 15.48
N HIS F 52 -0.53 -19.49 16.44
CA HIS F 52 0.01 -20.84 16.22
C HIS F 52 -0.79 -21.60 15.17
N VAL F 53 -2.00 -21.12 14.87
CA VAL F 53 -2.86 -21.76 13.89
C VAL F 53 -2.34 -21.54 12.48
N THR F 54 -2.10 -20.28 12.12
CA THR F 54 -1.76 -19.92 10.75
C THR F 54 -0.28 -19.60 10.56
N LYS F 55 0.42 -19.40 11.68
CA LYS F 55 1.83 -18.98 11.67
C LYS F 55 2.01 -17.65 10.95
N GLY F 56 0.93 -16.89 10.85
CA GLY F 56 0.95 -15.62 10.14
C GLY F 56 1.10 -15.80 8.64
N ALA F 57 0.19 -16.56 8.04
CA ALA F 57 0.24 -16.83 6.60
C ALA F 57 -1.02 -16.37 5.89
N ALA F 58 -0.97 -16.35 4.57
CA ALA F 58 -2.11 -15.92 3.75
C ALA F 58 -3.24 -16.95 3.82
N LEU F 59 -4.47 -16.47 3.74
CA LEU F 59 -5.64 -17.34 3.88
C LEU F 59 -6.63 -17.12 2.73
N ARG F 60 -6.79 -18.15 1.91
CA ARG F 60 -7.78 -18.11 0.83
C ARG F 60 -9.19 -18.21 1.40
N SER F 61 -10.09 -17.38 0.86
CA SER F 61 -11.47 -17.36 1.30
C SER F 61 -12.35 -17.90 0.17
N GLY F 62 -11.83 -18.91 -0.51
CA GLY F 62 -12.50 -19.50 -1.66
C GLY F 62 -12.40 -18.63 -2.89
N GLU F 63 -13.04 -17.46 -2.83
CA GLU F 63 -12.99 -16.50 -3.92
C GLU F 63 -12.24 -15.25 -3.49
N GLY F 64 -11.74 -15.27 -2.27
CA GLY F 64 -11.02 -14.12 -1.73
C GLY F 64 -9.68 -14.46 -1.11
N ARG F 65 -8.86 -13.43 -0.91
CA ARG F 65 -7.54 -13.59 -0.31
C ARG F 65 -7.39 -12.72 0.94
N LEU F 66 -6.85 -13.30 2.00
CA LEU F 66 -6.65 -12.56 3.25
C LEU F 66 -5.17 -12.32 3.52
N ASP F 67 -4.78 -11.05 3.58
CA ASP F 67 -3.40 -10.67 3.87
C ASP F 67 -3.22 -10.37 5.36
N PRO F 68 -2.09 -10.81 5.93
CA PRO F 68 -1.79 -10.54 7.34
C PRO F 68 -1.63 -9.04 7.61
N TYR F 69 -2.15 -8.59 8.75
CA TYR F 69 -2.09 -7.18 9.11
C TYR F 69 -1.33 -7.00 10.42
N TRP F 70 -1.77 -7.71 11.45
CA TRP F 70 -1.18 -7.61 12.78
C TRP F 70 -1.03 -8.97 13.44
N GLY F 71 0.02 -9.13 14.24
CA GLY F 71 0.26 -10.37 14.95
C GLY F 71 1.28 -10.23 16.07
N ASP F 72 1.24 -11.17 17.01
CA ASP F 72 2.19 -11.19 18.12
C ASP F 72 2.30 -12.61 18.67
N VAL F 73 3.52 -13.16 18.64
CA VAL F 73 3.76 -14.53 19.05
C VAL F 73 3.50 -14.75 20.55
N LYS F 74 3.97 -13.81 21.37
CA LYS F 74 3.78 -13.93 22.82
C LYS F 74 2.30 -13.89 23.20
N GLN F 75 1.53 -13.05 22.50
CA GLN F 75 0.09 -12.99 22.70
C GLN F 75 -0.61 -14.16 22.00
N ASP F 76 0.09 -14.74 21.03
CA ASP F 76 -0.44 -15.84 20.21
C ASP F 76 -1.73 -15.41 19.51
N LEU F 77 -1.70 -14.22 18.93
CA LEU F 77 -2.85 -13.68 18.20
C LEU F 77 -2.43 -13.11 16.86
N VAL F 78 -3.37 -13.09 15.91
CA VAL F 78 -3.11 -12.52 14.59
C VAL F 78 -4.40 -12.13 13.89
N SER F 79 -4.44 -10.92 13.35
CA SER F 79 -5.60 -10.41 12.64
C SER F 79 -5.30 -10.23 11.16
N TYR F 80 -6.34 -10.24 10.34
CA TYR F 80 -6.18 -10.14 8.89
C TYR F 80 -7.08 -9.05 8.31
N CYS F 81 -6.63 -8.46 7.20
CA CYS F 81 -7.36 -7.42 6.48
C CYS F 81 -7.51 -6.12 7.28
N GLY F 82 -6.93 -6.09 8.48
CA GLY F 82 -7.02 -4.91 9.32
C GLY F 82 -6.57 -5.17 10.74
N PRO F 83 -6.61 -4.13 11.59
CA PRO F 83 -6.19 -4.24 12.99
C PRO F 83 -7.16 -5.07 13.83
N TRP F 84 -6.71 -5.50 15.00
CA TRP F 84 -7.53 -6.28 15.91
C TRP F 84 -8.73 -5.47 16.39
N LYS F 85 -9.93 -6.01 16.19
CA LYS F 85 -11.17 -5.28 16.49
C LYS F 85 -11.77 -5.66 17.83
N LEU F 86 -11.63 -6.92 18.22
CA LEU F 86 -12.24 -7.44 19.45
C LEU F 86 -11.60 -6.83 20.69
N ASP F 87 -12.39 -6.11 21.48
CA ASP F 87 -11.86 -5.49 22.69
C ASP F 87 -12.77 -5.69 23.91
N ALA F 88 -13.84 -6.47 23.74
CA ALA F 88 -14.69 -6.80 24.87
C ALA F 88 -13.92 -7.68 25.84
N ALA F 89 -14.22 -7.55 27.14
CA ALA F 89 -13.49 -8.30 28.15
C ALA F 89 -14.40 -8.89 29.20
N TRP F 90 -13.99 -10.03 29.75
CA TRP F 90 -14.68 -10.67 30.86
C TRP F 90 -14.80 -9.70 32.04
N ASP F 91 -15.94 -9.71 32.71
CA ASP F 91 -16.19 -8.79 33.81
C ASP F 91 -15.69 -9.35 35.14
N GLY F 92 -15.30 -10.63 35.13
CA GLY F 92 -14.75 -11.26 36.32
C GLY F 92 -15.78 -11.95 37.20
N LEU F 93 -17.03 -11.92 36.77
CA LEU F 93 -18.11 -12.51 37.55
C LEU F 93 -19.07 -13.34 36.70
N SER F 94 -19.56 -12.76 35.61
CA SER F 94 -20.55 -13.40 34.76
C SER F 94 -20.03 -14.69 34.12
N GLU F 95 -20.96 -15.56 33.75
CA GLU F 95 -20.60 -16.78 33.04
C GLU F 95 -20.38 -16.46 31.56
N VAL F 96 -19.60 -17.31 30.90
CA VAL F 96 -19.29 -17.13 29.49
C VAL F 96 -19.64 -18.38 28.68
N GLN F 97 -19.60 -18.25 27.36
CA GLN F 97 -19.86 -19.39 26.47
C GLN F 97 -18.77 -19.54 25.42
N LEU F 98 -18.18 -20.74 25.36
CA LEU F 98 -17.22 -21.06 24.33
C LEU F 98 -17.95 -21.58 23.10
N LEU F 99 -17.74 -20.90 21.97
CA LEU F 99 -18.31 -21.35 20.71
C LEU F 99 -17.35 -22.32 20.04
N ALA F 100 -17.35 -23.56 20.53
CA ALA F 100 -16.45 -24.58 20.04
C ALA F 100 -16.79 -24.97 18.60
N VAL F 101 -15.79 -24.92 17.73
CA VAL F 101 -15.94 -25.39 16.36
C VAL F 101 -14.98 -26.56 16.13
N PRO F 102 -15.38 -27.76 16.55
CA PRO F 102 -14.51 -28.95 16.46
C PRO F 102 -14.31 -29.40 15.02
N PRO F 103 -13.15 -30.00 14.72
CA PRO F 103 -12.83 -30.51 13.39
C PRO F 103 -13.84 -31.54 12.88
N GLY F 104 -14.69 -31.12 11.95
CA GLY F 104 -15.67 -32.01 11.35
C GLY F 104 -16.97 -32.11 12.14
N GLU F 105 -17.08 -31.36 13.23
CA GLU F 105 -18.29 -31.37 14.04
C GLU F 105 -19.02 -30.03 13.98
N ARG F 106 -20.33 -30.07 14.22
CA ARG F 106 -21.14 -28.86 14.22
C ARG F 106 -20.76 -27.95 15.39
N ALA F 107 -20.81 -26.65 15.16
CA ALA F 107 -20.47 -25.68 16.20
C ALA F 107 -21.49 -25.71 17.32
N LYS F 108 -21.02 -25.62 18.56
CA LYS F 108 -21.91 -25.66 19.71
C LYS F 108 -21.44 -24.73 20.83
N ASN F 109 -22.41 -24.22 21.58
CA ASN F 109 -22.12 -23.34 22.71
C ASN F 109 -21.91 -24.13 24.00
N ILE F 110 -20.77 -23.92 24.65
CA ILE F 110 -20.48 -24.56 25.92
C ILE F 110 -20.34 -23.50 27.01
N GLN F 111 -21.27 -23.50 27.96
CA GLN F 111 -21.31 -22.48 29.00
C GLN F 111 -20.54 -22.92 30.25
N THR F 112 -19.80 -21.98 30.83
CA THR F 112 -19.00 -22.25 32.02
C THR F 112 -18.60 -20.97 32.73
N LEU F 113 -18.15 -21.10 33.97
CA LEU F 113 -17.58 -19.98 34.70
C LEU F 113 -16.06 -19.99 34.56
N PRO F 114 -15.49 -18.90 34.04
CA PRO F 114 -14.05 -18.83 33.76
C PRO F 114 -13.18 -18.99 35.00
N GLY F 115 -12.04 -19.67 34.83
CA GLY F 115 -11.03 -19.73 35.86
C GLY F 115 -10.09 -18.55 35.71
N ILE F 116 -9.02 -18.53 36.49
CA ILE F 116 -8.12 -17.38 36.49
C ILE F 116 -6.66 -17.77 36.30
N PHE F 117 -6.00 -17.11 35.35
CA PHE F 117 -4.55 -17.21 35.19
C PHE F 117 -3.87 -16.06 35.91
N LYS F 118 -3.05 -16.36 36.91
CA LYS F 118 -2.33 -15.33 37.64
C LYS F 118 -0.89 -15.19 37.14
N THR F 119 -0.60 -14.03 36.56
CA THR F 119 0.73 -13.77 36.03
C THR F 119 1.42 -12.63 36.76
N LYS F 120 2.63 -12.30 36.34
CA LYS F 120 3.39 -11.21 36.93
C LYS F 120 2.98 -9.87 36.33
N ASP F 121 2.13 -9.93 35.31
CA ASP F 121 1.66 -8.74 34.62
C ASP F 121 0.18 -8.48 34.90
N GLY F 122 -0.47 -9.43 35.55
CA GLY F 122 -1.88 -9.31 35.86
C GLY F 122 -2.61 -10.64 35.76
N ASP F 123 -3.92 -10.60 35.90
CA ASP F 123 -4.75 -11.81 35.87
C ASP F 123 -5.53 -11.93 34.57
N ILE F 124 -5.54 -13.14 34.00
CA ILE F 124 -6.30 -13.42 32.80
C ILE F 124 -7.38 -14.46 33.09
N GLY F 125 -8.50 -14.36 32.39
CA GLY F 125 -9.55 -15.35 32.50
C GLY F 125 -9.15 -16.64 31.80
N ALA F 126 -9.61 -17.76 32.31
CA ALA F 126 -9.28 -19.06 31.73
C ALA F 126 -10.50 -19.99 31.78
N VAL F 127 -10.68 -20.79 30.74
CA VAL F 127 -11.80 -21.72 30.70
C VAL F 127 -11.31 -23.17 30.78
N ALA F 128 -11.96 -23.95 31.64
CA ALA F 128 -11.57 -25.33 31.84
C ALA F 128 -12.36 -26.27 30.94
N LEU F 129 -12.30 -26.00 29.64
CA LEU F 129 -12.97 -26.84 28.66
C LEU F 129 -11.95 -27.50 27.74
N ASP F 130 -11.90 -28.82 27.77
CA ASP F 130 -10.90 -29.57 27.02
C ASP F 130 -11.39 -29.91 25.61
N TYR F 131 -10.65 -29.45 24.61
CA TYR F 131 -11.05 -29.65 23.22
C TYR F 131 -9.83 -29.85 22.32
N PRO F 132 -9.99 -30.66 21.26
CA PRO F 132 -8.86 -31.11 20.43
C PRO F 132 -8.21 -30.00 19.59
N ALA F 133 -7.13 -30.36 18.92
CA ALA F 133 -6.44 -29.45 18.02
C ALA F 133 -7.32 -29.16 16.81
N GLY F 134 -7.32 -27.90 16.38
CA GLY F 134 -8.17 -27.47 15.29
C GLY F 134 -9.34 -26.65 15.82
N THR F 135 -9.52 -26.68 17.13
CA THR F 135 -10.57 -25.91 17.79
C THR F 135 -10.00 -24.57 18.26
N SER F 136 -8.67 -24.48 18.29
CA SER F 136 -7.99 -23.26 18.74
C SER F 136 -8.34 -22.09 17.83
N GLY F 137 -8.85 -21.03 18.46
CA GLY F 137 -9.33 -19.87 17.73
C GLY F 137 -10.83 -19.73 17.88
N SER F 138 -11.47 -20.70 18.52
CA SER F 138 -12.91 -20.65 18.76
C SER F 138 -13.24 -19.50 19.71
N PRO F 139 -14.34 -18.79 19.43
CA PRO F 139 -14.75 -17.62 20.21
C PRO F 139 -15.21 -17.95 21.62
N ILE F 140 -14.86 -17.09 22.56
CA ILE F 140 -15.41 -17.16 23.91
C ILE F 140 -16.24 -15.90 24.16
N LEU F 141 -17.54 -16.07 24.31
CA LEU F 141 -18.46 -14.94 24.31
C LEU F 141 -18.98 -14.59 25.71
N ASP F 142 -19.17 -13.30 25.95
CA ASP F 142 -19.83 -12.84 27.17
C ASP F 142 -21.34 -12.94 26.99
N LYS F 143 -22.10 -12.47 27.96
CA LYS F 143 -23.55 -12.61 27.95
C LYS F 143 -24.24 -11.96 26.76
N CYS F 144 -23.55 -11.02 26.11
CA CYS F 144 -24.12 -10.31 24.97
C CYS F 144 -23.59 -10.83 23.63
N GLY F 145 -22.84 -11.93 23.68
CA GLY F 145 -22.33 -12.55 22.47
C GLY F 145 -21.06 -11.91 21.95
N ARG F 146 -20.61 -10.85 22.61
CA ARG F 146 -19.37 -10.17 22.22
C ARG F 146 -18.17 -11.06 22.51
N VAL F 147 -17.22 -11.08 21.59
CA VAL F 147 -16.01 -11.90 21.74
C VAL F 147 -15.07 -11.28 22.76
N ILE F 148 -14.82 -11.99 23.86
CA ILE F 148 -13.96 -11.47 24.91
C ILE F 148 -12.64 -12.22 24.99
N GLY F 149 -12.40 -13.09 24.01
CA GLY F 149 -11.16 -13.86 23.98
C GLY F 149 -11.22 -15.07 23.06
N LEU F 150 -10.06 -15.67 22.82
CA LEU F 150 -9.94 -16.85 21.97
C LEU F 150 -9.40 -18.06 22.72
N TYR F 151 -9.92 -19.24 22.36
CA TYR F 151 -9.56 -20.51 22.98
C TYR F 151 -8.42 -21.18 22.20
N GLY F 152 -7.58 -21.96 22.89
CA GLY F 152 -6.46 -22.62 22.24
C GLY F 152 -5.06 -22.46 22.83
N ASN F 153 -4.85 -21.49 23.73
CA ASN F 153 -3.54 -21.29 24.32
C ASN F 153 -3.56 -21.33 25.84
N GLY F 154 -2.89 -22.33 26.42
CA GLY F 154 -2.90 -22.51 27.86
C GLY F 154 -1.92 -23.54 28.41
N VAL F 155 -2.26 -24.13 29.55
CA VAL F 155 -1.37 -25.06 30.23
C VAL F 155 -1.96 -26.46 30.43
N VAL F 156 -1.17 -27.33 31.01
CA VAL F 156 -1.61 -28.65 31.43
C VAL F 156 -1.31 -28.81 32.91
N ILE F 157 -2.34 -29.04 33.71
CA ILE F 157 -2.17 -29.13 35.15
C ILE F 157 -1.51 -30.44 35.58
N LYS F 158 -1.59 -30.71 36.88
CA LYS F 158 -0.85 -31.81 37.49
C LYS F 158 -1.33 -33.16 36.95
N ASN F 159 -2.64 -33.25 36.70
CA ASN F 159 -3.29 -34.48 36.27
C ASN F 159 -3.03 -34.89 34.80
N GLY F 160 -2.86 -33.91 33.91
CA GLY F 160 -2.70 -34.21 32.49
C GLY F 160 -3.87 -33.66 31.70
N SER F 161 -4.64 -32.80 32.38
CA SER F 161 -5.81 -32.15 31.78
C SER F 161 -5.46 -30.74 31.31
N TYR F 162 -6.08 -30.35 30.20
CA TYR F 162 -5.75 -29.10 29.53
C TYR F 162 -6.59 -27.91 29.99
N VAL F 163 -5.92 -26.81 30.28
CA VAL F 163 -6.59 -25.58 30.68
C VAL F 163 -6.18 -24.44 29.74
N SER F 164 -7.17 -23.78 29.13
CA SER F 164 -6.89 -22.71 28.18
C SER F 164 -7.25 -21.34 28.73
N ALA F 165 -6.50 -20.33 28.29
CA ALA F 165 -6.73 -18.95 28.70
C ALA F 165 -7.75 -18.28 27.79
N ILE F 166 -8.33 -17.19 28.28
CA ILE F 166 -9.21 -16.36 27.46
C ILE F 166 -8.38 -15.22 26.86
N THR F 167 -7.73 -15.50 25.74
CA THR F 167 -6.77 -14.57 25.14
C THR F 167 -7.45 -13.47 24.34
N GLN F 168 -7.36 -12.24 24.85
CA GLN F 168 -7.94 -11.08 24.18
C GLN F 168 -6.84 -10.12 23.72
N GLY F 169 -7.06 -9.49 22.57
CA GLY F 169 -6.11 -8.54 22.02
C GLY F 169 -6.48 -7.11 22.31
N LYS F 170 -5.66 -6.17 21.84
CA LYS F 170 -5.90 -4.76 22.06
C LYS F 170 -6.23 -4.06 20.75
N ARG F 171 -7.33 -3.30 20.75
CA ARG F 171 -7.74 -2.56 19.57
C ARG F 171 -7.13 -1.16 19.54
N ASP G 7 -23.16 2.68 -25.36
CA ASP G 7 -23.92 3.83 -24.89
C ASP G 7 -25.14 3.41 -24.09
N MET G 8 -25.14 3.72 -22.80
CA MET G 8 -26.27 3.40 -21.94
C MET G 8 -27.48 4.25 -22.31
N TYR G 9 -28.67 3.68 -22.19
CA TYR G 9 -29.89 4.40 -22.55
C TYR G 9 -30.93 4.37 -21.42
N ILE G 10 -31.87 5.30 -21.48
CA ILE G 10 -32.90 5.39 -20.46
C ILE G 10 -34.31 5.13 -21.02
N GLU G 11 -35.20 4.66 -20.14
CA GLU G 11 -36.60 4.44 -20.49
C GLU G 11 -37.47 4.67 -19.27
N ARG G 12 -38.68 5.19 -19.50
CA ARG G 12 -39.55 5.64 -18.42
C ARG G 12 -40.00 4.50 -17.52
N ALA G 13 -40.30 4.83 -16.26
CA ALA G 13 -40.70 3.83 -15.28
C ALA G 13 -42.05 4.16 -14.64
N GLY G 14 -42.42 5.45 -14.64
CA GLY G 14 -43.70 5.85 -14.12
C GLY G 14 -43.74 7.25 -13.53
N ASP G 15 -44.85 7.56 -12.86
CA ASP G 15 -45.04 8.87 -12.25
C ASP G 15 -44.54 8.88 -10.80
N ILE G 16 -43.64 9.81 -10.50
CA ILE G 16 -43.12 9.96 -9.15
C ILE G 16 -44.20 10.51 -8.23
N THR G 17 -44.86 9.61 -7.50
CA THR G 17 -45.94 10.00 -6.59
C THR G 17 -45.86 9.24 -5.27
N TRP G 18 -46.70 9.64 -4.32
CA TRP G 18 -46.85 8.94 -3.05
C TRP G 18 -48.04 8.00 -3.12
N GLU G 19 -47.80 6.71 -2.87
CA GLU G 19 -48.88 5.73 -2.86
C GLU G 19 -49.36 5.47 -1.44
N LYS G 20 -50.60 5.85 -1.16
CA LYS G 20 -51.19 5.67 0.16
C LYS G 20 -51.26 4.20 0.54
N ASP G 21 -51.38 3.34 -0.47
CA ASP G 21 -51.43 1.90 -0.26
C ASP G 21 -50.04 1.29 -0.45
N ALA G 22 -49.17 1.49 0.54
CA ALA G 22 -47.79 1.02 0.47
C ALA G 22 -47.44 0.09 1.62
N GLU G 23 -46.76 -1.01 1.31
CA GLU G 23 -46.31 -1.95 2.33
C GLU G 23 -45.15 -1.35 3.13
N VAL G 24 -45.31 -1.34 4.45
CA VAL G 24 -44.31 -0.76 5.34
C VAL G 24 -43.32 -1.82 5.83
N THR G 25 -42.03 -1.51 5.75
CA THR G 25 -40.99 -2.41 6.21
C THR G 25 -39.71 -1.66 6.53
N GLY G 26 -38.70 -2.37 7.02
CA GLY G 26 -37.42 -1.77 7.33
C GLY G 26 -37.42 -1.01 8.64
N ASN G 27 -36.31 -1.08 9.37
CA ASN G 27 -36.18 -0.39 10.64
C ASN G 27 -35.67 1.03 10.48
N SER G 28 -35.27 1.66 11.58
CA SER G 28 -34.78 3.03 11.55
C SER G 28 -33.57 3.21 12.45
N PRO G 29 -32.40 2.73 12.02
CA PRO G 29 -31.18 2.79 12.83
C PRO G 29 -30.52 4.17 12.80
N ARG G 30 -29.77 4.48 13.85
CA ARG G 30 -29.01 5.73 13.92
C ARG G 30 -27.52 5.41 13.97
N LEU G 31 -26.80 5.71 12.89
CA LEU G 31 -25.43 5.23 12.72
C LEU G 31 -24.40 6.34 12.61
N ASP G 32 -23.26 6.14 13.26
CA ASP G 32 -22.08 6.99 13.07
C ASP G 32 -21.28 6.48 11.89
N VAL G 33 -21.30 7.21 10.78
CA VAL G 33 -20.64 6.77 9.57
C VAL G 33 -19.59 7.75 9.07
N ALA G 34 -18.80 7.33 8.09
CA ALA G 34 -17.74 8.15 7.53
C ALA G 34 -17.72 8.05 6.01
N LEU G 35 -17.64 9.21 5.35
CA LEU G 35 -17.61 9.27 3.89
C LEU G 35 -16.24 9.68 3.39
N ASP G 36 -15.60 8.81 2.61
CA ASP G 36 -14.28 9.12 2.08
C ASP G 36 -14.38 9.95 0.81
N GLU G 37 -13.23 10.33 0.26
CA GLU G 37 -13.18 11.16 -0.94
C GLU G 37 -13.65 10.40 -2.17
N SER G 38 -13.71 9.08 -2.08
CA SER G 38 -14.12 8.24 -3.19
C SER G 38 -15.62 7.99 -3.21
N GLY G 39 -16.35 8.67 -2.32
CA GLY G 39 -17.79 8.54 -2.26
C GLY G 39 -18.27 7.26 -1.62
N ASP G 40 -17.36 6.57 -0.93
CA ASP G 40 -17.71 5.32 -0.26
C ASP G 40 -17.95 5.55 1.22
N PHE G 41 -19.14 5.19 1.69
CA PHE G 41 -19.44 5.28 3.11
C PHE G 41 -18.79 4.13 3.89
N SER G 42 -18.52 4.41 5.17
CA SER G 42 -17.98 3.44 6.11
C SER G 42 -18.37 3.81 7.55
N LEU G 43 -18.16 2.88 8.48
CA LEU G 43 -18.49 3.10 9.89
C LEU G 43 -17.33 3.69 10.72
N VAL G 44 -17.61 4.07 11.96
CA VAL G 44 -16.61 4.62 12.88
C VAL G 44 -16.11 3.58 13.86
N GLU H 18 -36.54 11.45 -25.09
CA GLU H 18 -37.70 11.64 -24.24
C GLU H 18 -37.49 12.79 -23.26
N THR H 19 -38.50 13.64 -23.13
CA THR H 19 -38.39 14.86 -22.33
C THR H 19 -39.24 14.79 -21.05
N THR H 20 -40.39 14.13 -21.16
CA THR H 20 -41.38 14.06 -20.07
C THR H 20 -40.78 13.70 -18.72
N ASP H 21 -41.14 14.48 -17.70
CA ASP H 21 -40.64 14.26 -16.34
C ASP H 21 -41.13 12.94 -15.78
N GLY H 22 -40.40 12.41 -14.79
CA GLY H 22 -40.76 11.16 -14.16
C GLY H 22 -39.55 10.32 -13.79
N VAL H 23 -39.80 9.10 -13.34
CA VAL H 23 -38.74 8.17 -12.96
C VAL H 23 -38.36 7.29 -14.15
N TYR H 24 -37.06 7.07 -14.34
CA TYR H 24 -36.57 6.33 -15.50
C TYR H 24 -35.61 5.22 -15.14
N ARG H 25 -35.54 4.19 -15.99
CA ARG H 25 -34.58 3.12 -15.85
C ARG H 25 -33.35 3.42 -16.67
N VAL H 26 -32.17 3.12 -16.13
CA VAL H 26 -30.93 3.29 -16.89
C VAL H 26 -30.47 1.93 -17.40
N MET H 27 -30.53 1.74 -18.72
CA MET H 27 -30.27 0.44 -19.31
C MET H 27 -29.03 0.42 -20.19
N THR H 28 -28.66 -0.76 -20.64
CA THR H 28 -27.58 -0.94 -21.62
C THR H 28 -27.69 -2.34 -22.26
N ARG H 29 -27.51 -2.39 -23.58
CA ARG H 29 -27.63 -3.65 -24.31
C ARG H 29 -26.26 -4.29 -24.56
N ARG H 30 -25.34 -4.19 -23.61
CA ARG H 30 -23.93 -4.50 -23.87
C ARG H 30 -23.46 -5.79 -23.19
N LEU H 31 -24.45 -6.53 -22.68
CA LEU H 31 -24.29 -7.82 -22.01
C LEU H 31 -25.06 -8.91 -22.77
N LEU H 32 -25.71 -9.82 -22.05
CA LEU H 32 -26.51 -10.87 -22.67
C LEU H 32 -27.66 -10.27 -23.49
N GLY H 33 -28.45 -9.42 -22.84
CA GLY H 33 -29.50 -8.67 -23.53
C GLY H 33 -29.62 -7.29 -22.93
N SER H 34 -30.78 -6.99 -22.37
CA SER H 34 -30.99 -5.74 -21.66
C SER H 34 -30.45 -5.85 -20.24
N THR H 35 -29.91 -4.75 -19.72
CA THR H 35 -29.33 -4.75 -18.38
C THR H 35 -29.53 -3.41 -17.69
N GLN H 36 -30.32 -3.41 -16.62
CA GLN H 36 -30.55 -2.20 -15.84
C GLN H 36 -29.37 -1.95 -14.90
N VAL H 37 -28.67 -0.84 -15.12
CA VAL H 37 -27.52 -0.50 -14.29
C VAL H 37 -27.91 0.45 -13.16
N GLY H 38 -29.08 1.08 -13.28
CA GLY H 38 -29.54 2.00 -12.26
C GLY H 38 -30.84 2.70 -12.57
N VAL H 39 -31.24 3.60 -11.68
CA VAL H 39 -32.47 4.35 -11.82
C VAL H 39 -32.17 5.85 -11.73
N GLY H 40 -33.02 6.68 -12.33
CA GLY H 40 -32.89 8.12 -12.23
C GLY H 40 -34.22 8.82 -12.31
N VAL H 41 -34.25 10.11 -12.00
CA VAL H 41 -35.47 10.88 -12.09
C VAL H 41 -35.33 12.01 -13.11
N MET H 42 -36.44 12.38 -13.73
CA MET H 42 -36.46 13.49 -14.68
C MET H 42 -37.33 14.62 -14.12
N GLN H 43 -36.74 15.81 -13.99
CA GLN H 43 -37.47 16.94 -13.45
C GLN H 43 -37.00 18.25 -14.07
N GLU H 44 -37.95 18.98 -14.66
CA GLU H 44 -37.68 20.27 -15.29
C GLU H 44 -36.59 20.17 -16.37
N GLY H 45 -36.71 19.15 -17.21
CA GLY H 45 -35.78 18.95 -18.31
C GLY H 45 -34.41 18.47 -17.88
N VAL H 46 -34.27 18.12 -16.61
CA VAL H 46 -32.99 17.66 -16.08
C VAL H 46 -33.11 16.25 -15.50
N PHE H 47 -32.21 15.36 -15.91
CA PHE H 47 -32.21 13.98 -15.43
C PHE H 47 -31.22 13.79 -14.29
N HIS H 48 -31.71 13.32 -13.15
CA HIS H 48 -30.88 13.13 -11.97
C HIS H 48 -30.70 11.66 -11.62
N THR H 49 -29.45 11.25 -11.44
CA THR H 49 -29.15 9.89 -11.00
C THR H 49 -27.84 9.88 -10.21
N MET H 50 -27.50 8.72 -9.66
CA MET H 50 -26.26 8.59 -8.90
C MET H 50 -25.07 8.47 -9.85
N TRP H 51 -23.88 8.82 -9.36
CA TRP H 51 -22.71 8.85 -10.22
C TRP H 51 -22.21 7.45 -10.56
N HIS H 52 -22.25 6.54 -9.59
CA HIS H 52 -21.72 5.19 -9.78
C HIS H 52 -22.52 4.40 -10.81
N VAL H 53 -23.72 4.89 -11.11
CA VAL H 53 -24.58 4.24 -12.10
C VAL H 53 -24.09 4.49 -13.52
N THR H 54 -23.82 5.75 -13.84
CA THR H 54 -23.49 6.14 -15.21
C THR H 54 -22.02 6.47 -15.40
N LYS H 55 -21.30 6.65 -14.29
CA LYS H 55 -19.90 7.08 -14.30
C LYS H 55 -19.74 8.42 -15.02
N GLY H 56 -20.82 9.19 -15.09
CA GLY H 56 -20.82 10.46 -15.80
C GLY H 56 -20.67 10.29 -17.30
N ALA H 57 -21.56 9.51 -17.90
CA ALA H 57 -21.49 9.24 -19.33
C ALA H 57 -22.79 9.64 -20.04
N ALA H 58 -22.70 9.80 -21.36
CA ALA H 58 -23.86 10.20 -22.17
C ALA H 58 -24.94 9.13 -22.11
N LEU H 59 -26.20 9.57 -22.20
CA LEU H 59 -27.33 8.66 -22.09
C LEU H 59 -28.30 8.86 -23.24
N ARG H 60 -28.55 7.78 -23.98
CA ARG H 60 -29.54 7.80 -25.06
C ARG H 60 -30.94 7.75 -24.47
N SER H 61 -31.82 8.56 -25.04
CA SER H 61 -33.22 8.64 -24.65
C SER H 61 -34.06 8.23 -25.85
N GLY H 62 -33.45 7.43 -26.72
CA GLY H 62 -34.07 6.99 -27.94
C GLY H 62 -33.98 8.07 -29.01
N GLU H 63 -34.47 9.28 -28.71
CA GLU H 63 -34.43 10.36 -29.69
C GLU H 63 -33.79 11.74 -29.37
N GLY H 64 -33.15 11.95 -28.20
CA GLY H 64 -32.89 10.94 -27.20
C GLY H 64 -31.44 10.91 -26.72
N ARG H 65 -30.83 12.08 -26.50
CA ARG H 65 -29.44 12.11 -26.04
C ARG H 65 -29.26 13.03 -24.83
N LEU H 66 -28.59 12.52 -23.80
CA LEU H 66 -28.36 13.27 -22.58
C LEU H 66 -26.88 13.45 -22.31
N ASP H 67 -26.40 14.69 -22.40
CA ASP H 67 -25.00 15.00 -22.13
C ASP H 67 -24.81 15.39 -20.67
N PRO H 68 -23.67 15.00 -20.07
CA PRO H 68 -23.40 15.32 -18.68
C PRO H 68 -23.28 16.83 -18.44
N TYR H 69 -23.83 17.29 -17.33
CA TYR H 69 -23.77 18.70 -16.98
C TYR H 69 -23.01 18.89 -15.67
N TRP H 70 -23.48 18.21 -14.62
CA TRP H 70 -22.86 18.32 -13.30
C TRP H 70 -22.71 16.95 -12.65
N GLY H 71 -21.65 16.78 -11.87
CA GLY H 71 -21.42 15.53 -11.17
C GLY H 71 -20.41 15.69 -10.05
N ASP H 72 -20.46 14.75 -9.10
CA ASP H 72 -19.54 14.76 -7.97
C ASP H 72 -19.43 13.36 -7.38
N VAL H 73 -18.24 12.78 -7.46
CA VAL H 73 -18.00 11.41 -7.03
C VAL H 73 -18.26 11.21 -5.54
N LYS H 74 -17.80 12.15 -4.71
CA LYS H 74 -17.98 12.05 -3.28
C LYS H 74 -19.46 12.06 -2.90
N GLN H 75 -20.24 12.91 -3.56
CA GLN H 75 -21.68 12.95 -3.35
C GLN H 75 -22.35 11.78 -4.05
N ASP H 76 -21.66 11.20 -5.03
CA ASP H 76 -22.18 10.11 -5.85
C ASP H 76 -23.48 10.53 -6.54
N LEU H 77 -23.43 11.67 -7.22
CA LEU H 77 -24.58 12.21 -7.94
C LEU H 77 -24.17 12.78 -9.29
N VAL H 78 -25.12 12.88 -10.20
CA VAL H 78 -24.87 13.44 -11.52
C VAL H 78 -26.18 13.87 -12.19
N SER H 79 -26.18 15.08 -12.74
CA SER H 79 -27.36 15.61 -13.43
C SER H 79 -27.09 15.79 -14.92
N TYR H 80 -28.14 15.72 -15.72
CA TYR H 80 -28.00 15.83 -17.17
C TYR H 80 -28.87 16.95 -17.73
N CYS H 81 -28.41 17.54 -18.84
CA CYS H 81 -29.12 18.61 -19.55
C CYS H 81 -29.22 19.91 -18.75
N GLY H 82 -28.70 19.90 -17.52
CA GLY H 82 -28.75 21.08 -16.68
C GLY H 82 -28.30 20.81 -15.26
N PRO H 83 -28.35 21.84 -14.41
CA PRO H 83 -27.94 21.72 -13.01
C PRO H 83 -28.93 20.90 -12.18
N TRP H 84 -28.47 20.39 -11.05
CA TRP H 84 -29.31 19.61 -10.14
C TRP H 84 -30.50 20.45 -9.66
N LYS H 85 -31.70 19.90 -9.80
CA LYS H 85 -32.92 20.65 -9.51
C LYS H 85 -33.53 20.26 -8.17
N LEU H 86 -33.43 18.98 -7.81
CA LEU H 86 -34.03 18.47 -6.58
C LEU H 86 -33.37 19.04 -5.34
N ASP H 87 -34.12 19.80 -4.56
CA ASP H 87 -33.58 20.42 -3.35
C ASP H 87 -34.46 20.20 -2.13
N ALA H 88 -35.54 19.43 -2.29
CA ALA H 88 -36.39 19.10 -1.15
C ALA H 88 -35.62 18.24 -0.16
N ALA H 89 -35.95 18.35 1.11
CA ALA H 89 -35.21 17.64 2.15
C ALA H 89 -36.13 17.02 3.20
N TRP H 90 -35.69 15.89 3.74
CA TRP H 90 -36.38 15.22 4.83
C TRP H 90 -36.50 16.16 6.04
N ASP H 91 -37.62 16.09 6.74
CA ASP H 91 -37.86 16.96 7.88
C ASP H 91 -37.35 16.37 9.19
N GLY H 92 -36.94 15.10 9.14
CA GLY H 92 -36.36 14.45 10.30
C GLY H 92 -37.37 13.76 11.20
N LEU H 93 -38.66 13.93 10.87
CA LEU H 93 -39.73 13.36 11.69
C LEU H 93 -40.69 12.50 10.89
N SER H 94 -41.14 13.02 9.75
CA SER H 94 -42.17 12.36 8.95
C SER H 94 -41.64 11.09 8.29
N GLU H 95 -42.57 10.21 7.91
CA GLU H 95 -42.22 9.02 7.15
C GLU H 95 -42.06 9.38 5.67
N VAL H 96 -41.28 8.58 4.96
CA VAL H 96 -41.06 8.82 3.53
C VAL H 96 -41.42 7.58 2.72
N GLN H 97 -41.35 7.71 1.39
CA GLN H 97 -41.62 6.59 0.50
C GLN H 97 -40.53 6.43 -0.54
N LEU H 98 -39.95 5.23 -0.60
CA LEU H 98 -38.98 4.91 -1.64
C LEU H 98 -39.70 4.35 -2.86
N LEU H 99 -39.52 5.01 -3.99
CA LEU H 99 -40.09 4.52 -5.24
C LEU H 99 -39.11 3.54 -5.87
N ALA H 100 -39.09 2.32 -5.32
CA ALA H 100 -38.21 1.27 -5.81
C ALA H 100 -38.54 0.89 -7.24
N VAL H 101 -37.54 0.98 -8.11
CA VAL H 101 -37.68 0.56 -9.50
C VAL H 101 -36.73 -0.60 -9.77
N PRO H 102 -37.14 -1.82 -9.40
CA PRO H 102 -36.27 -3.01 -9.51
C PRO H 102 -36.08 -3.45 -10.96
N PRO H 103 -34.91 -4.01 -11.27
CA PRO H 103 -34.60 -4.52 -12.62
C PRO H 103 -35.58 -5.61 -13.06
N GLY H 104 -36.49 -5.26 -13.97
CA GLY H 104 -37.44 -6.22 -14.49
C GLY H 104 -38.75 -6.28 -13.73
N GLU H 105 -38.86 -5.48 -12.67
CA GLU H 105 -40.08 -5.46 -11.87
C GLU H 105 -40.77 -4.09 -11.96
N ARG H 106 -42.09 -4.10 -11.79
CA ARG H 106 -42.88 -2.88 -11.83
C ARG H 106 -42.50 -1.93 -10.69
N ALA H 107 -42.68 -0.64 -10.91
CA ALA H 107 -42.37 0.35 -9.89
C ALA H 107 -43.23 0.15 -8.65
N LYS H 108 -42.62 0.29 -7.48
CA LYS H 108 -43.31 -0.02 -6.23
C LYS H 108 -42.95 0.95 -5.12
N ASN H 109 -43.97 1.55 -4.51
CA ASN H 109 -43.79 2.46 -3.38
C ASN H 109 -43.59 1.69 -2.07
N ILE H 110 -42.56 2.06 -1.33
CA ILE H 110 -42.29 1.45 -0.03
C ILE H 110 -42.15 2.54 1.04
N GLN H 111 -43.08 2.54 2.00
CA GLN H 111 -43.09 3.55 3.04
C GLN H 111 -42.34 3.10 4.28
N THR H 112 -41.58 4.02 4.87
CA THR H 112 -40.79 3.74 6.06
C THR H 112 -40.37 5.02 6.77
N LEU H 113 -39.87 4.88 7.99
CA LEU H 113 -39.30 6.01 8.71
C LEU H 113 -37.78 5.98 8.57
N PRO H 114 -37.22 7.04 7.97
CA PRO H 114 -35.77 7.10 7.68
C PRO H 114 -34.90 7.05 8.93
N GLY H 115 -33.78 6.34 8.82
CA GLY H 115 -32.77 6.34 9.87
C GLY H 115 -31.86 7.54 9.70
N ILE H 116 -30.77 7.57 10.45
CA ILE H 116 -29.87 8.72 10.41
C ILE H 116 -28.41 8.32 10.23
N PHE H 117 -27.73 9.01 9.31
CA PHE H 117 -26.28 8.90 9.17
C PHE H 117 -25.61 10.06 9.90
N LYS H 118 -24.91 9.76 10.99
CA LYS H 118 -24.19 10.79 11.72
C LYS H 118 -22.73 10.87 11.29
N THR H 119 -22.37 11.97 10.63
CA THR H 119 -21.02 12.17 10.14
C THR H 119 -20.31 13.32 10.84
N LYS H 120 -19.09 13.61 10.43
CA LYS H 120 -18.32 14.71 10.98
C LYS H 120 -18.71 16.03 10.31
N ASP H 121 -19.49 15.93 9.25
CA ASP H 121 -19.92 17.11 8.50
C ASP H 121 -21.39 17.45 8.79
N GLY H 122 -22.17 16.44 9.17
CA GLY H 122 -23.57 16.63 9.47
C GLY H 122 -24.37 15.35 9.41
N ASP H 123 -25.64 15.42 9.79
CA ASP H 123 -26.51 14.24 9.80
C ASP H 123 -27.33 14.12 8.53
N ILE H 124 -27.34 12.91 7.95
CA ILE H 124 -28.13 12.64 6.76
C ILE H 124 -29.19 11.61 7.06
N GLY H 125 -30.27 11.61 6.27
CA GLY H 125 -31.30 10.62 6.38
C GLY H 125 -30.87 9.32 5.72
N ALA H 126 -31.28 8.19 6.28
CA ALA H 126 -30.96 6.89 5.73
C ALA H 126 -32.15 5.96 5.80
N VAL H 127 -32.32 5.12 4.78
CA VAL H 127 -33.44 4.19 4.74
C VAL H 127 -32.97 2.74 4.83
N ALA H 128 -33.63 1.97 5.69
CA ALA H 128 -33.27 0.58 5.90
C ALA H 128 -34.07 -0.33 4.97
N LEU H 129 -34.07 0.01 3.69
CA LEU H 129 -34.76 -0.80 2.68
C LEU H 129 -33.72 -1.45 1.76
N ASP H 130 -33.81 -2.75 1.59
CA ASP H 130 -32.81 -3.49 0.84
C ASP H 130 -33.29 -3.84 -0.57
N TYR H 131 -32.55 -3.39 -1.57
CA TYR H 131 -32.89 -3.64 -2.96
C TYR H 131 -31.63 -3.84 -3.80
N PRO H 132 -31.70 -4.73 -4.80
CA PRO H 132 -30.51 -5.18 -5.55
C PRO H 132 -29.88 -4.10 -6.42
N ALA H 133 -28.81 -4.48 -7.10
CA ALA H 133 -28.14 -3.59 -8.05
C ALA H 133 -29.04 -3.30 -9.23
N GLY H 134 -29.07 -2.04 -9.66
CA GLY H 134 -29.95 -1.61 -10.72
C GLY H 134 -31.07 -0.76 -10.18
N THR H 135 -31.28 -0.83 -8.86
CA THR H 135 -32.30 -0.02 -8.19
C THR H 135 -31.68 1.28 -7.69
N SER H 136 -30.36 1.33 -7.67
CA SER H 136 -29.64 2.50 -7.18
C SER H 136 -29.95 3.74 -8.02
N GLY H 137 -30.52 4.75 -7.37
CA GLY H 137 -30.94 5.96 -8.05
C GLY H 137 -32.43 6.16 -7.98
N SER H 138 -33.12 5.20 -7.37
CA SER H 138 -34.56 5.28 -7.18
C SER H 138 -34.90 6.44 -6.24
N PRO H 139 -35.94 7.21 -6.59
CA PRO H 139 -36.32 8.40 -5.83
C PRO H 139 -36.95 8.10 -4.46
N ILE H 140 -36.48 8.80 -3.44
CA ILE H 140 -37.11 8.75 -2.12
C ILE H 140 -37.92 10.02 -1.92
N LEU H 141 -39.23 9.87 -1.71
CA LEU H 141 -40.13 11.01 -1.74
C LEU H 141 -40.67 11.38 -0.37
N ASP H 142 -40.96 12.66 -0.18
CA ASP H 142 -41.64 13.12 1.02
C ASP H 142 -43.14 13.00 0.83
N LYS H 143 -43.91 13.43 1.82
CA LYS H 143 -45.37 13.26 1.81
C LYS H 143 -46.06 13.92 0.61
N CYS H 144 -45.35 14.84 -0.05
CA CYS H 144 -45.93 15.58 -1.17
C CYS H 144 -45.39 15.13 -2.51
N GLY H 145 -44.61 14.05 -2.51
CA GLY H 145 -44.08 13.48 -3.73
C GLY H 145 -42.78 14.10 -4.18
N ARG H 146 -42.36 15.16 -3.51
CA ARG H 146 -41.11 15.83 -3.85
C ARG H 146 -39.92 14.94 -3.52
N VAL H 147 -38.96 14.87 -4.44
CA VAL H 147 -37.78 14.04 -4.25
C VAL H 147 -36.83 14.65 -3.24
N ILE H 148 -36.61 13.95 -2.12
CA ILE H 148 -35.72 14.44 -1.08
C ILE H 148 -34.40 13.69 -1.07
N GLY H 149 -34.16 12.87 -2.09
CA GLY H 149 -32.92 12.14 -2.19
C GLY H 149 -32.99 10.92 -3.08
N LEU H 150 -31.84 10.30 -3.32
CA LEU H 150 -31.77 9.11 -4.16
C LEU H 150 -31.24 7.91 -3.37
N TYR H 151 -31.62 6.72 -3.81
CA TYR H 151 -31.27 5.47 -3.15
C TYR H 151 -30.11 4.80 -3.87
N GLY H 152 -29.17 4.19 -3.13
CA GLY H 152 -28.14 3.40 -3.75
C GLY H 152 -26.71 3.55 -3.24
N ASN H 153 -26.50 4.45 -2.28
CA ASN H 153 -25.17 4.64 -1.72
C ASN H 153 -25.20 4.67 -0.19
N GLY H 154 -24.65 3.63 0.43
CA GLY H 154 -24.65 3.54 1.88
C GLY H 154 -23.69 2.52 2.46
N VAL H 155 -24.07 1.94 3.60
CA VAL H 155 -23.20 1.02 4.33
C VAL H 155 -23.78 -0.36 4.52
N VAL H 156 -22.98 -1.25 5.10
CA VAL H 156 -23.46 -2.55 5.53
C VAL H 156 -23.13 -2.76 7.01
N ILE H 157 -24.18 -2.92 7.82
CA ILE H 157 -24.00 -3.05 9.26
C ILE H 157 -23.36 -4.39 9.65
N LYS H 158 -23.34 -4.65 10.96
CA LYS H 158 -22.61 -5.76 11.53
C LYS H 158 -23.14 -7.10 11.02
N ASN H 159 -24.44 -7.17 10.83
CA ASN H 159 -25.10 -8.40 10.36
C ASN H 159 -24.74 -8.84 8.95
N GLY H 160 -24.53 -7.87 8.06
CA GLY H 160 -24.32 -8.12 6.66
C GLY H 160 -25.50 -7.60 5.85
N SER H 161 -26.35 -6.83 6.51
CA SER H 161 -27.54 -6.22 5.92
C SER H 161 -27.25 -4.79 5.46
N TYR H 162 -27.61 -4.49 4.22
CA TYR H 162 -27.39 -3.19 3.61
C TYR H 162 -28.28 -2.02 4.07
N VAL H 163 -27.67 -0.85 4.21
CA VAL H 163 -28.38 0.37 4.57
C VAL H 163 -27.97 1.49 3.60
N SER H 164 -28.94 2.18 3.03
CA SER H 164 -28.67 3.22 2.06
C SER H 164 -28.99 4.61 2.60
N ALA H 165 -28.18 5.59 2.21
CA ALA H 165 -28.41 6.97 2.60
C ALA H 165 -29.43 7.63 1.68
N ILE H 166 -30.03 8.72 2.16
CA ILE H 166 -30.92 9.53 1.33
C ILE H 166 -30.10 10.66 0.72
N THR H 167 -29.48 10.38 -0.43
CA THR H 167 -28.53 11.30 -1.04
C THR H 167 -29.21 12.40 -1.86
N GLN H 168 -29.10 13.63 -1.36
CA GLN H 168 -29.69 14.78 -2.04
C GLN H 168 -28.59 15.74 -2.52
N GLY H 169 -28.85 16.40 -3.64
CA GLY H 169 -27.90 17.36 -4.19
C GLY H 169 -28.32 18.79 -3.92
N LYS H 170 -27.52 19.73 -4.41
CA LYS H 170 -27.79 21.15 -4.20
C LYS H 170 -28.17 21.85 -5.50
N ARG H 171 -29.25 22.63 -5.47
CA ARG H 171 -29.67 23.37 -6.65
C ARG H 171 -29.03 24.75 -6.68
C1 2UE I 1 6.74 5.23 -5.40
N1 2UE I 1 12.43 5.77 -7.86
O1 2UE I 1 7.93 6.59 -3.80
C2 2UE I 1 6.95 5.86 -4.02
N2 2UE I 1 13.59 7.50 -8.89
C3 2UE I 1 7.86 5.42 -6.20
N3 2UE I 1 14.63 6.21 -7.27
C4 2UE I 1 7.92 6.52 -7.04
C5 2UE I 1 8.91 4.50 -6.18
C6 2UE I 1 9.04 6.72 -7.85
C7 2UE I 1 10.08 5.81 -7.81
C8 2UE I 1 10.02 4.69 -6.97
C9 2UE I 1 11.20 6.02 -8.63
C10 2UE I 1 13.56 6.50 -8.01
N ARG I 2 6.03 5.55 -3.11
CA ARG I 2 6.08 6.06 -1.72
C ARG I 2 6.77 5.03 -0.85
N ARG I 3 7.01 3.86 -1.44
CA ARG I 3 7.70 2.74 -0.76
C ARG I 3 8.89 2.29 -1.61
N ARG I 4 10.01 2.05 -0.93
CA ARG I 4 11.25 1.61 -1.60
C ARG I 4 11.42 0.11 -1.46
N23 00S I 5 10.27 -0.59 -1.34
C16 00S I 5 10.26 -2.04 -1.21
C17 00S I 5 10.17 -2.60 -2.47
C22 00S I 5 9.43 -1.95 -3.46
C21 00S I 5 9.34 -2.49 -4.73
C24 00S I 5 9.99 -3.69 -5.02
C27 00S I 5 9.89 -4.23 -6.30
N35 00S I 5 9.19 -3.57 -7.22
N34 00S I 5 10.51 -5.38 -6.54
C19 00S I 5 10.72 -4.34 -4.04
C18 00S I 5 10.81 -3.79 -2.77
C1 2UE J 1 28.16 16.55 -7.20
N1 2UE J 1 24.55 11.90 -5.18
O1 2UE J 1 26.16 16.66 -8.55
C2 2UE J 1 27.36 16.92 -8.45
N2 2UE J 1 22.99 11.63 -3.47
C3 2UE J 1 27.50 15.55 -6.49
N3 2UE J 1 22.51 10.86 -5.61
C4 2UE J 1 26.50 15.89 -5.57
C5 2UE J 1 27.84 14.23 -6.67
C6 2UE J 1 25.85 14.90 -4.86
C7 2UE J 1 26.19 13.57 -5.04
C8 2UE J 1 27.19 13.23 -5.95
C9 2UE J 1 25.53 12.57 -4.33
C10 2UE J 1 23.35 11.46 -4.75
N ARG J 2 28.07 17.54 -9.41
CA ARG J 2 27.45 17.97 -10.67
C ARG J 2 27.80 16.97 -11.78
N ARG J 3 28.63 15.98 -11.40
CA ARG J 3 29.06 14.92 -12.32
C ARG J 3 28.79 13.56 -11.68
N ARG J 4 28.19 12.66 -12.47
CA ARG J 4 27.85 11.31 -11.99
C ARG J 4 28.89 10.31 -12.49
N23 00S J 5 30.13 10.82 -12.63
C16 00S J 5 31.25 10.01 -13.11
C17 00S J 5 31.90 9.42 -12.03
C22 00S J 5 31.95 10.05 -10.80
C21 00S J 5 32.61 9.45 -9.73
C24 00S J 5 33.21 8.21 -9.91
C27 00S J 5 33.86 7.59 -8.83
N35 00S J 5 34.38 6.38 -9.03
N34 00S J 5 33.94 8.24 -7.68
C19 00S J 5 33.16 7.56 -11.13
C18 00S J 5 32.51 8.18 -12.20
#